data_2J78
#
_entry.id   2J78
#
_cell.length_a   96.950
_cell.length_b   91.459
_cell.length_c   111.527
_cell.angle_alpha   90.00
_cell.angle_beta   90.00
_cell.angle_gamma   90.00
#
_symmetry.space_group_name_H-M   'P 21 21 21'
#
loop_
_entity.id
_entity.type
_entity.pdbx_description
1 polymer 'BETA-GLUCOSIDASE A'
2 non-polymer 'CALCIUM ION'
3 non-polymer 'ACETATE ION'
4 non-polymer 1,2-ETHANEDIOL
5 non-polymer (2S,3S,4R,5R)-6-(HYDROXYAMINO)-2-(HYDROXYMETHYL)-2,3,4,5-TETRAHYDROPYRIDINE-3,4,5-TRIOL
6 water water
#
_entity_poly.entity_id   1
_entity_poly.type   'polypeptide(L)'
_entity_poly.pdbx_seq_one_letter_code
;MGSSHHHHHHSSGLVPRGSHMASNVKKFPEGFLWGVATASYQIEGSPLADGAGMSIWHTFSHTPGNVKNGDTGDVACDHY
NRWKEDIEIIEKLGVKAYRFSISWPRILPEGTGRVNQKGLDFYNRIIDTLLEKGITPFVTIYHWDLPFALQLKGGWANRE
IADWFAEYSRVLFENFGDRVKNWITLNEPWVVAIVGHLYGVHAPGMRDIYVAFRAVHNLLRAHARAVKVFRETVKDGKIG
IVFNNGYFEPASEKEEDIRAVRFMHQFNNYPLFLNPIYRGDYPELVLEFAREYLPENYKDDMSEIQEKIDFVGLNYYSGH
LVKFDPDAPAKVSFVERDLPKTAMGWEIVPEGIYWILKKVKEEYNPPEVYITENGAAFDDVVSEDGRVHDQNRIDYLKAH
IGQAWKAIQEGVPLKGYFVWSLLDNFEWAEGYSKRFGIVYVDYSTQKRIVKDSGYWYSNVVKNNGLED
;
_entity_poly.pdbx_strand_id   A,B
#
loop_
_chem_comp.id
_chem_comp.type
_chem_comp.name
_chem_comp.formula
ACT non-polymer 'ACETATE ION' 'C2 H3 O2 -1'
CA non-polymer 'CALCIUM ION' 'Ca 2'
EDO non-polymer 1,2-ETHANEDIOL 'C2 H6 O2'
GOX non-polymer (2S,3S,4R,5R)-6-(HYDROXYAMINO)-2-(HYDROXYMETHYL)-2,3,4,5-TETRAHYDROPYRIDINE-3,4,5-TRIOL 'C6 H12 N2 O5'
#
# COMPACT_ATOMS: atom_id res chain seq x y z
N VAL A 25 35.28 -16.18 11.22
CA VAL A 25 35.75 -15.16 10.24
C VAL A 25 35.63 -15.67 8.80
N LYS A 26 35.35 -14.76 7.88
CA LYS A 26 35.21 -15.11 6.49
C LYS A 26 36.05 -14.13 5.71
N LYS A 27 37.29 -14.52 5.42
CA LYS A 27 38.20 -13.65 4.69
C LYS A 27 38.03 -13.91 3.19
N PHE A 28 37.95 -12.82 2.44
CA PHE A 28 37.90 -12.93 0.99
C PHE A 28 39.28 -13.09 0.33
N PRO A 29 39.31 -13.42 -0.96
CA PRO A 29 40.61 -13.48 -1.62
C PRO A 29 41.37 -12.14 -1.55
N GLU A 30 42.71 -12.17 -1.53
N GLU A 30 42.70 -12.26 -1.48
CA GLU A 30 43.48 -10.92 -1.30
CA GLU A 30 43.58 -11.15 -1.68
C GLU A 30 43.17 -9.82 -2.33
C GLU A 30 43.19 -10.59 -3.03
N GLY A 31 42.98 -10.21 -3.59
N GLY A 31 43.03 -9.29 -3.10
CA GLY A 31 42.70 -9.23 -4.63
CA GLY A 31 42.72 -8.68 -4.38
C GLY A 31 41.23 -8.88 -4.84
C GLY A 31 41.25 -8.50 -4.63
N PHE A 32 40.41 -9.18 -3.82
CA PHE A 32 38.94 -9.00 -3.94
C PHE A 32 38.56 -7.54 -4.01
N LEU A 33 37.59 -7.20 -4.87
CA LEU A 33 37.23 -5.80 -5.02
CA LEU A 33 37.23 -5.79 -5.02
C LEU A 33 35.94 -5.45 -4.29
N TRP A 34 36.04 -4.55 -3.31
CA TRP A 34 34.86 -4.09 -2.59
C TRP A 34 34.45 -2.74 -3.16
N GLY A 35 33.21 -2.61 -3.63
CA GLY A 35 32.81 -1.32 -4.22
C GLY A 35 31.47 -0.80 -3.75
N VAL A 36 31.11 0.37 -4.26
CA VAL A 36 29.76 0.92 -4.10
C VAL A 36 29.32 1.31 -5.50
N ALA A 37 28.00 1.36 -5.72
CA ALA A 37 27.47 1.64 -7.07
C ALA A 37 26.44 2.76 -7.06
N THR A 38 26.38 3.48 -8.17
CA THR A 38 25.31 4.46 -8.45
C THR A 38 24.95 4.41 -9.94
N ALA A 39 24.00 5.23 -10.34
CA ALA A 39 23.68 5.45 -11.76
C ALA A 39 23.38 6.91 -11.96
N SER A 40 23.63 7.39 -13.18
CA SER A 40 23.63 8.82 -13.48
C SER A 40 22.31 9.50 -13.21
N TYR A 41 21.23 8.99 -13.79
CA TYR A 41 19.93 9.66 -13.60
C TYR A 41 19.45 9.63 -12.16
N GLN A 42 19.88 8.60 -11.42
CA GLN A 42 19.43 8.46 -10.04
C GLN A 42 20.07 9.44 -9.10
N ILE A 43 21.26 9.96 -9.42
CA ILE A 43 21.99 10.80 -8.47
C ILE A 43 22.32 12.20 -8.95
N GLU A 44 22.46 12.40 -10.26
CA GLU A 44 23.11 13.64 -10.74
C GLU A 44 22.28 14.93 -10.60
N GLY A 45 20.99 14.84 -10.93
CA GLY A 45 20.17 16.08 -11.15
C GLY A 45 20.74 16.87 -12.33
N SER A 46 20.22 18.08 -12.56
CA SER A 46 20.67 18.92 -13.65
C SER A 46 20.67 18.19 -15.01
N PRO A 47 19.57 17.49 -15.33
CA PRO A 47 19.56 16.69 -16.54
C PRO A 47 19.70 17.49 -17.83
N LEU A 48 19.41 18.80 -17.78
CA LEU A 48 19.53 19.63 -18.97
C LEU A 48 20.68 20.66 -18.89
N ALA A 49 21.55 20.51 -17.88
CA ALA A 49 22.69 21.41 -17.76
C ALA A 49 23.68 21.25 -18.90
N ASP A 50 24.36 22.36 -19.19
CA ASP A 50 25.56 22.34 -20.00
C ASP A 50 25.37 21.63 -21.34
N GLY A 51 24.23 21.88 -21.95
CA GLY A 51 23.99 21.42 -23.32
C GLY A 51 23.47 20.01 -23.44
N ALA A 52 23.21 19.34 -22.31
CA ALA A 52 22.71 17.94 -22.35
C ALA A 52 21.36 17.82 -23.07
N GLY A 53 21.18 16.72 -23.81
CA GLY A 53 19.87 16.41 -24.36
C GLY A 53 18.97 15.76 -23.33
N MET A 54 17.65 15.84 -23.53
CA MET A 54 16.71 15.11 -22.67
C MET A 54 16.96 13.61 -22.80
N SER A 55 16.71 12.90 -21.69
CA SER A 55 16.66 11.45 -21.75
C SER A 55 15.22 10.96 -21.67
N ILE A 56 15.04 9.66 -21.92
CA ILE A 56 13.70 9.08 -21.78
C ILE A 56 13.19 9.03 -20.35
N TRP A 57 14.11 9.10 -19.38
CA TRP A 57 13.70 9.17 -17.96
C TRP A 57 13.23 10.56 -17.57
N HIS A 58 13.81 11.59 -18.20
CA HIS A 58 13.33 12.96 -18.03
C HIS A 58 11.89 13.05 -18.53
N THR A 59 11.65 12.60 -19.75
CA THR A 59 10.31 12.71 -20.31
C THR A 59 9.30 11.77 -19.63
N PHE A 60 9.71 10.55 -19.31
CA PHE A 60 8.84 9.59 -18.61
C PHE A 60 8.44 10.11 -17.21
N SER A 61 9.42 10.64 -16.45
CA SER A 61 9.12 11.08 -15.08
C SER A 61 8.34 12.38 -15.07
N HIS A 62 8.50 13.19 -16.11
CA HIS A 62 7.72 14.43 -16.28
C HIS A 62 6.31 14.16 -16.84
N THR A 63 5.97 12.90 -17.07
CA THR A 63 4.61 12.56 -17.52
C THR A 63 3.82 12.20 -16.29
N PRO A 64 2.76 12.97 -15.99
CA PRO A 64 1.94 12.67 -14.81
C PRO A 64 1.49 11.23 -14.74
N GLY A 65 1.64 10.63 -13.56
CA GLY A 65 1.15 9.28 -13.31
C GLY A 65 2.22 8.20 -13.39
N ASN A 66 3.38 8.54 -13.96
CA ASN A 66 4.37 7.47 -14.21
C ASN A 66 5.26 7.17 -13.00
N VAL A 67 5.50 8.19 -12.18
CA VAL A 67 6.40 8.07 -11.03
C VAL A 67 5.69 8.50 -9.75
N LYS A 68 5.91 7.72 -8.68
CA LYS A 68 5.35 8.05 -7.37
CA LYS A 68 5.31 8.04 -7.40
C LYS A 68 5.60 9.49 -6.99
N ASN A 69 4.54 10.16 -6.53
CA ASN A 69 4.63 11.54 -6.04
C ASN A 69 5.03 12.55 -7.11
N GLY A 70 5.02 12.11 -8.36
CA GLY A 70 5.46 12.94 -9.45
C GLY A 70 6.93 13.27 -9.36
N ASP A 71 7.68 12.44 -8.62
CA ASP A 71 9.13 12.69 -8.50
C ASP A 71 9.83 12.62 -9.85
N THR A 72 10.93 13.36 -10.00
CA THR A 72 11.77 13.29 -11.21
C THR A 72 13.24 13.33 -10.83
N GLY A 73 14.10 13.11 -11.79
CA GLY A 73 15.55 13.28 -11.59
C GLY A 73 16.04 14.72 -11.77
N ASP A 74 15.14 15.72 -11.71
CA ASP A 74 15.59 17.11 -11.95
C ASP A 74 16.68 17.57 -10.99
N VAL A 75 16.60 17.11 -9.74
CA VAL A 75 17.57 17.50 -8.72
C VAL A 75 18.29 16.29 -8.11
N ALA A 76 17.51 15.28 -7.73
CA ALA A 76 18.07 14.05 -7.14
C ALA A 76 19.04 14.38 -5.99
N CYS A 77 20.26 13.83 -6.03
CA CYS A 77 21.27 14.10 -5.00
C CYS A 77 22.16 15.30 -5.36
N ASP A 78 21.83 16.00 -6.45
CA ASP A 78 22.67 17.10 -6.93
C ASP A 78 24.14 16.70 -7.06
N HIS A 79 24.39 15.46 -7.48
CA HIS A 79 25.77 14.97 -7.65
C HIS A 79 26.42 15.71 -8.82
N TYR A 80 25.62 16.28 -9.73
CA TYR A 80 26.22 17.05 -10.84
C TYR A 80 27.11 18.19 -10.27
N ASN A 81 26.66 18.77 -9.16
CA ASN A 81 27.48 19.79 -8.45
C ASN A 81 28.31 19.31 -7.29
N ARG A 82 27.87 18.23 -6.66
CA ARG A 82 28.45 17.73 -5.41
C ARG A 82 29.39 16.53 -5.58
N TRP A 83 29.75 16.22 -6.83
CA TRP A 83 30.50 14.99 -7.12
C TRP A 83 31.80 14.91 -6.32
N LYS A 84 32.46 16.05 -6.09
CA LYS A 84 33.77 15.97 -5.45
C LYS A 84 33.62 15.55 -3.99
N GLU A 85 32.60 16.12 -3.33
CA GLU A 85 32.35 15.79 -1.95
CA GLU A 85 32.24 15.78 -1.95
C GLU A 85 31.88 14.31 -1.82
N ASP A 86 31.10 13.83 -2.79
CA ASP A 86 30.72 12.43 -2.74
C ASP A 86 31.90 11.49 -2.90
N ILE A 87 32.86 11.85 -3.76
CA ILE A 87 34.04 11.02 -3.91
C ILE A 87 34.88 11.03 -2.64
N GLU A 88 34.93 12.19 -1.98
CA GLU A 88 35.61 12.26 -0.67
C GLU A 88 34.94 11.33 0.34
N ILE A 89 33.62 11.13 0.26
CA ILE A 89 32.99 10.13 1.14
C ILE A 89 33.43 8.69 0.80
N ILE A 90 33.57 8.39 -0.50
CA ILE A 90 34.10 7.09 -0.89
C ILE A 90 35.48 6.88 -0.26
N GLU A 91 36.32 7.92 -0.32
CA GLU A 91 37.65 7.85 0.27
C GLU A 91 37.56 7.68 1.78
N LYS A 92 36.68 8.45 2.41
CA LYS A 92 36.50 8.40 3.88
C LYS A 92 36.12 6.99 4.34
N LEU A 93 35.26 6.34 3.57
CA LEU A 93 34.84 4.96 3.88
C LEU A 93 35.91 3.91 3.57
N GLY A 94 36.96 4.30 2.87
CA GLY A 94 38.01 3.36 2.52
C GLY A 94 37.67 2.41 1.38
N VAL A 95 36.63 2.76 0.62
CA VAL A 95 36.20 1.91 -0.49
C VAL A 95 37.09 2.17 -1.72
N LYS A 96 37.48 1.10 -2.40
CA LYS A 96 38.46 1.21 -3.47
C LYS A 96 37.93 0.97 -4.86
N ALA A 97 36.63 0.79 -5.01
CA ALA A 97 36.01 0.70 -6.34
C ALA A 97 34.69 1.41 -6.37
N TYR A 98 34.42 2.08 -7.48
CA TYR A 98 33.18 2.85 -7.62
C TYR A 98 32.63 2.51 -8.98
N ARG A 99 31.42 1.94 -8.97
CA ARG A 99 30.66 1.66 -10.19
C ARG A 99 29.67 2.79 -10.39
N PHE A 100 29.81 3.48 -11.52
CA PHE A 100 28.92 4.61 -11.83
C PHE A 100 28.57 4.54 -13.30
N SER A 101 27.54 5.27 -13.72
CA SER A 101 27.16 5.26 -15.13
C SER A 101 27.32 6.61 -15.76
N ILE A 102 27.38 6.58 -17.10
CA ILE A 102 27.53 7.79 -17.86
C ILE A 102 26.21 8.04 -18.57
N SER A 103 25.75 9.30 -18.51
CA SER A 103 24.51 9.72 -19.18
C SER A 103 24.78 9.93 -20.67
N TRP A 104 24.28 9.02 -21.49
CA TRP A 104 24.42 9.13 -22.95
C TRP A 104 24.05 10.54 -23.47
N PRO A 105 22.87 11.09 -23.09
CA PRO A 105 22.54 12.40 -23.68
C PRO A 105 23.35 13.58 -23.11
N ARG A 106 24.13 13.37 -22.05
CA ARG A 106 25.12 14.42 -21.72
C ARG A 106 26.29 14.44 -22.72
N ILE A 107 26.63 13.27 -23.23
CA ILE A 107 27.74 13.11 -24.15
C ILE A 107 27.33 13.41 -25.61
N LEU A 108 26.22 12.82 -26.06
CA LEU A 108 25.68 13.04 -27.40
C LEU A 108 24.22 13.47 -27.21
N PRO A 109 23.97 14.79 -27.15
CA PRO A 109 22.62 15.27 -26.85
C PRO A 109 21.53 14.73 -27.76
N GLU A 110 21.86 14.52 -29.03
CA GLU A 110 20.94 13.92 -30.02
C GLU A 110 21.11 12.39 -30.19
N GLY A 111 21.92 11.79 -29.32
CA GLY A 111 22.19 10.34 -29.36
C GLY A 111 23.32 9.95 -30.30
N THR A 112 23.32 10.54 -31.52
CA THR A 112 24.41 10.39 -32.48
C THR A 112 24.79 11.79 -32.94
N GLY A 113 25.91 11.93 -33.64
CA GLY A 113 26.29 13.23 -34.18
C GLY A 113 27.17 14.03 -33.25
N ARG A 114 26.62 15.15 -32.77
CA ARG A 114 27.28 16.20 -32.00
C ARG A 114 27.78 15.67 -30.67
N VAL A 115 29.08 15.72 -30.39
CA VAL A 115 29.60 15.39 -29.03
C VAL A 115 29.65 16.66 -28.19
N ASN A 116 29.14 16.58 -26.97
CA ASN A 116 29.05 17.73 -26.07
C ASN A 116 30.27 17.74 -25.15
N GLN A 117 31.20 18.67 -25.40
CA GLN A 117 32.45 18.70 -24.66
C GLN A 117 32.21 18.84 -23.16
N LYS A 118 31.18 19.60 -22.75
CA LYS A 118 30.95 19.80 -21.32
C LYS A 118 30.49 18.51 -20.64
N GLY A 119 29.85 17.61 -21.42
CA GLY A 119 29.49 16.28 -20.87
C GLY A 119 30.74 15.46 -20.63
N LEU A 120 31.65 15.46 -21.62
CA LEU A 120 32.96 14.81 -21.46
C LEU A 120 33.72 15.36 -20.25
N ASP A 121 33.68 16.69 -20.08
CA ASP A 121 34.41 17.38 -19.00
C ASP A 121 33.92 16.89 -17.64
N PHE A 122 32.61 16.73 -17.50
CA PHE A 122 31.99 16.34 -16.23
C PHE A 122 32.54 14.99 -15.78
N TYR A 123 32.51 14.01 -16.69
CA TYR A 123 33.06 12.68 -16.33
C TYR A 123 34.57 12.63 -16.26
N ASN A 124 35.28 13.44 -17.05
CA ASN A 124 36.75 13.49 -16.93
C ASN A 124 37.18 13.88 -15.54
N ARG A 125 36.48 14.86 -14.97
CA ARG A 125 36.85 15.35 -13.60
C ARG A 125 36.63 14.23 -12.61
N ILE A 126 35.51 13.52 -12.74
CA ILE A 126 35.25 12.38 -11.85
C ILE A 126 36.33 11.30 -12.01
N ILE A 127 36.61 10.91 -13.28
CA ILE A 127 37.59 9.87 -13.53
C ILE A 127 38.98 10.24 -12.99
N ASP A 128 39.44 11.46 -13.29
CA ASP A 128 40.76 11.89 -12.83
C ASP A 128 40.83 11.88 -11.33
N THR A 129 39.76 12.34 -10.66
CA THR A 129 39.74 12.39 -9.18
C THR A 129 39.79 10.99 -8.59
N LEU A 130 39.05 10.06 -9.18
CA LEU A 130 39.03 8.67 -8.68
C LEU A 130 40.42 8.07 -8.78
N LEU A 131 41.09 8.30 -9.91
CA LEU A 131 42.41 7.72 -10.12
C LEU A 131 43.41 8.34 -9.14
N GLU A 132 43.30 9.64 -8.93
CA GLU A 132 44.21 10.33 -7.99
C GLU A 132 44.07 9.67 -6.63
N LYS A 133 42.84 9.32 -6.27
CA LYS A 133 42.58 8.72 -4.96
C LYS A 133 42.73 7.19 -4.91
N GLY A 134 43.14 6.59 -6.01
CA GLY A 134 43.33 5.15 -6.06
C GLY A 134 42.05 4.35 -5.94
N ILE A 135 40.93 4.95 -6.38
CA ILE A 135 39.65 4.23 -6.46
C ILE A 135 39.45 3.76 -7.89
N THR A 136 39.19 2.47 -8.06
CA THR A 136 39.06 1.89 -9.39
C THR A 136 37.68 2.22 -9.96
N PRO A 137 37.63 2.89 -11.12
CA PRO A 137 36.30 3.12 -11.73
C PRO A 137 35.82 1.90 -12.50
N PHE A 138 34.55 1.54 -12.31
CA PHE A 138 33.86 0.58 -13.18
C PHE A 138 32.75 1.39 -13.85
N VAL A 139 32.83 1.54 -15.16
CA VAL A 139 31.88 2.43 -15.84
C VAL A 139 30.78 1.66 -16.55
N THR A 140 29.54 1.91 -16.16
CA THR A 140 28.38 1.37 -16.86
C THR A 140 28.06 2.34 -18.01
N ILE A 141 28.20 1.87 -19.22
CA ILE A 141 27.95 2.73 -20.39
C ILE A 141 26.46 3.10 -20.48
N TYR A 142 25.57 2.15 -20.18
CA TYR A 142 24.12 2.39 -20.28
C TYR A 142 23.35 1.92 -19.05
N HIS A 143 22.84 2.88 -18.29
CA HIS A 143 21.99 2.54 -17.13
C HIS A 143 20.66 3.30 -17.23
N TRP A 144 20.05 3.13 -18.41
CA TRP A 144 18.60 3.32 -18.68
C TRP A 144 18.20 4.69 -19.20
N ASP A 145 19.15 5.62 -19.22
CA ASP A 145 18.84 7.05 -19.58
C ASP A 145 19.13 7.29 -21.05
N LEU A 146 18.42 6.52 -21.88
CA LEU A 146 18.54 6.68 -23.35
C LEU A 146 18.24 8.13 -23.75
N PRO A 147 18.99 8.68 -24.73
CA PRO A 147 18.65 10.00 -25.28
C PRO A 147 17.23 9.98 -25.84
N PHE A 148 16.42 10.96 -25.45
CA PHE A 148 15.06 11.08 -26.00
C PHE A 148 15.09 11.12 -27.53
N ALA A 149 16.09 11.81 -28.10
CA ALA A 149 16.18 11.95 -29.57
C ALA A 149 16.20 10.57 -30.22
N LEU A 150 16.85 9.60 -29.56
CA LEU A 150 16.83 8.24 -30.10
C LEU A 150 15.52 7.50 -29.89
N GLN A 151 14.84 7.73 -28.77
CA GLN A 151 13.51 7.17 -28.61
C GLN A 151 12.54 7.66 -29.69
N LEU A 152 12.70 8.91 -30.17
CA LEU A 152 11.82 9.36 -31.27
C LEU A 152 12.04 8.55 -32.53
N LYS A 153 13.23 7.91 -32.64
CA LYS A 153 13.59 7.03 -33.75
C LYS A 153 13.42 5.54 -33.39
N GLY A 154 12.67 5.25 -32.31
CA GLY A 154 12.31 3.90 -31.93
C GLY A 154 13.10 3.32 -30.78
N GLY A 155 14.19 4.01 -30.43
CA GLY A 155 15.01 3.53 -29.30
C GLY A 155 15.49 2.09 -29.52
N TRP A 156 15.35 1.26 -28.49
CA TRP A 156 15.83 -0.11 -28.52
C TRP A 156 15.04 -0.99 -29.50
N ALA A 157 13.89 -0.50 -29.97
CA ALA A 157 13.12 -1.23 -31.00
C ALA A 157 13.78 -1.17 -32.37
N ASN A 158 14.62 -0.15 -32.60
CA ASN A 158 15.21 0.09 -33.92
C ASN A 158 16.52 -0.69 -34.09
N ARG A 159 16.59 -1.58 -35.09
CA ARG A 159 17.88 -2.27 -35.34
C ARG A 159 19.11 -1.36 -35.40
N GLU A 160 18.92 -0.11 -35.84
CA GLU A 160 20.04 0.82 -36.00
C GLU A 160 20.67 1.19 -34.64
N ILE A 161 19.99 0.90 -33.55
CA ILE A 161 20.58 1.21 -32.25
C ILE A 161 21.90 0.47 -32.03
N ALA A 162 22.13 -0.65 -32.72
CA ALA A 162 23.44 -1.30 -32.61
C ALA A 162 24.54 -0.34 -33.09
N ASP A 163 24.25 0.41 -34.17
CA ASP A 163 25.18 1.40 -34.72
C ASP A 163 25.29 2.56 -33.74
N TRP A 164 24.13 3.09 -33.28
CA TRP A 164 24.16 4.26 -32.41
C TRP A 164 24.93 3.94 -31.14
N PHE A 165 24.70 2.76 -30.57
CA PHE A 165 25.37 2.40 -29.31
C PHE A 165 26.84 2.15 -29.53
N ALA A 166 27.19 1.56 -30.67
CA ALA A 166 28.62 1.37 -31.01
C ALA A 166 29.32 2.74 -31.15
N GLU A 167 28.65 3.73 -31.74
CA GLU A 167 29.18 5.10 -31.88
CA GLU A 167 29.27 5.04 -31.87
C GLU A 167 29.45 5.74 -30.51
N TYR A 168 28.43 5.69 -29.67
CA TYR A 168 28.49 6.24 -28.32
C TYR A 168 29.59 5.58 -27.52
N SER A 169 29.60 4.26 -27.56
CA SER A 169 30.63 3.51 -26.83
CA SER A 169 30.62 3.52 -26.81
C SER A 169 32.03 3.89 -27.28
N ARG A 170 32.21 4.02 -28.60
CA ARG A 170 33.52 4.45 -29.12
C ARG A 170 33.94 5.81 -28.57
N VAL A 171 33.01 6.76 -28.51
CA VAL A 171 33.31 8.06 -27.92
C VAL A 171 33.85 7.91 -26.49
N LEU A 172 33.17 7.07 -25.70
CA LEU A 172 33.64 6.85 -24.32
C LEU A 172 35.00 6.17 -24.29
N PHE A 173 35.19 5.16 -25.14
CA PHE A 173 36.45 4.42 -25.14
C PHE A 173 37.61 5.33 -25.55
N GLU A 174 37.40 6.13 -26.59
CA GLU A 174 38.45 7.04 -27.06
C GLU A 174 38.78 8.08 -26.04
N ASN A 175 37.76 8.59 -25.32
CA ASN A 175 37.98 9.67 -24.38
C ASN A 175 38.47 9.20 -23.03
N PHE A 176 37.97 8.05 -22.57
CA PHE A 176 38.17 7.64 -21.19
C PHE A 176 38.98 6.37 -21.04
N GLY A 177 39.21 5.65 -22.15
CA GLY A 177 39.86 4.35 -22.10
C GLY A 177 41.32 4.34 -21.71
N ASP A 178 41.98 5.52 -21.81
CA ASP A 178 43.34 5.64 -21.28
C ASP A 178 43.39 5.46 -19.75
N ARG A 179 42.27 5.71 -19.06
CA ARG A 179 42.21 5.72 -17.60
C ARG A 179 41.29 4.67 -17.03
N VAL A 180 40.17 4.44 -17.72
CA VAL A 180 39.15 3.49 -17.23
C VAL A 180 39.40 2.19 -17.95
N LYS A 181 39.62 1.12 -17.17
CA LYS A 181 39.98 -0.19 -17.73
C LYS A 181 38.93 -1.25 -17.48
N ASN A 182 37.85 -0.92 -16.76
CA ASN A 182 36.81 -1.88 -16.45
C ASN A 182 35.46 -1.31 -16.87
N TRP A 183 34.83 -1.93 -17.86
CA TRP A 183 33.63 -1.36 -18.45
C TRP A 183 32.47 -2.34 -18.48
N ILE A 184 31.25 -1.81 -18.39
CA ILE A 184 30.02 -2.60 -18.50
C ILE A 184 29.19 -2.00 -19.61
N THR A 185 28.78 -2.82 -20.57
CA THR A 185 27.94 -2.29 -21.67
C THR A 185 26.57 -1.87 -21.18
N LEU A 186 25.80 -2.80 -20.62
CA LEU A 186 24.41 -2.58 -20.32
C LEU A 186 24.12 -3.01 -18.89
N ASN A 187 23.34 -2.17 -18.19
CA ASN A 187 22.77 -2.59 -16.92
C ASN A 187 21.41 -3.22 -17.18
N GLU A 188 21.32 -4.54 -16.93
CA GLU A 188 20.01 -5.24 -16.87
C GLU A 188 19.16 -5.09 -18.14
N PRO A 189 19.67 -5.61 -19.26
CA PRO A 189 18.89 -5.54 -20.48
C PRO A 189 17.48 -6.16 -20.34
N TRP A 190 17.30 -7.16 -19.46
CA TRP A 190 15.94 -7.68 -19.27
C TRP A 190 15.00 -6.57 -18.81
N VAL A 191 15.45 -5.73 -17.88
CA VAL A 191 14.60 -4.68 -17.35
C VAL A 191 14.33 -3.62 -18.43
N VAL A 192 15.40 -3.20 -19.09
CA VAL A 192 15.26 -2.26 -20.21
C VAL A 192 14.19 -2.72 -21.22
N ALA A 193 14.29 -3.98 -21.64
CA ALA A 193 13.36 -4.52 -22.64
C ALA A 193 11.96 -4.74 -22.09
N ILE A 194 11.88 -5.57 -21.05
CA ILE A 194 10.60 -6.06 -20.58
C ILE A 194 9.87 -5.05 -19.72
N VAL A 195 10.56 -4.46 -18.75
CA VAL A 195 9.92 -3.48 -17.86
C VAL A 195 9.60 -2.18 -18.60
N GLY A 196 10.48 -1.82 -19.52
CA GLY A 196 10.30 -0.62 -20.34
C GLY A 196 9.33 -0.74 -21.50
N HIS A 197 9.24 -1.94 -22.09
CA HIS A 197 8.47 -2.09 -23.34
C HIS A 197 7.35 -3.11 -23.31
N LEU A 198 7.28 -3.95 -22.28
CA LEU A 198 6.16 -4.90 -22.10
C LEU A 198 5.26 -4.47 -20.95
N TYR A 199 5.85 -4.21 -19.76
CA TYR A 199 5.06 -3.83 -18.60
C TYR A 199 4.72 -2.34 -18.60
N GLY A 200 5.55 -1.56 -19.28
CA GLY A 200 5.36 -0.11 -19.40
C GLY A 200 5.56 0.66 -18.11
N VAL A 201 6.21 0.04 -17.14
CA VAL A 201 6.44 0.62 -15.79
C VAL A 201 7.69 1.54 -15.75
N HIS A 202 8.62 1.30 -16.68
CA HIS A 202 9.82 2.14 -16.81
C HIS A 202 9.80 2.78 -18.17
N ALA A 203 10.60 3.83 -18.35
CA ALA A 203 10.74 4.47 -19.65
C ALA A 203 11.18 3.42 -20.70
N PRO A 204 10.68 3.52 -21.93
CA PRO A 204 9.81 4.59 -22.51
C PRO A 204 8.33 4.34 -22.30
N GLY A 205 7.97 3.39 -21.46
CA GLY A 205 6.59 3.26 -21.02
C GLY A 205 5.65 2.63 -22.01
N MET A 206 6.10 1.56 -22.66
CA MET A 206 5.34 0.85 -23.71
C MET A 206 4.84 -0.52 -23.25
N ARG A 207 3.77 -1.00 -23.90
CA ARG A 207 3.22 -2.34 -23.65
CA ARG A 207 3.22 -2.34 -23.65
C ARG A 207 3.00 -3.08 -24.98
N ASP A 208 4.07 -3.61 -25.53
CA ASP A 208 3.96 -4.36 -26.79
C ASP A 208 5.00 -5.46 -26.74
N ILE A 209 4.53 -6.71 -26.72
CA ILE A 209 5.45 -7.86 -26.56
C ILE A 209 6.36 -8.10 -27.77
N TYR A 210 5.91 -7.68 -28.97
CA TYR A 210 6.78 -7.76 -30.12
C TYR A 210 7.88 -6.72 -30.05
N VAL A 211 7.54 -5.50 -29.65
CA VAL A 211 8.57 -4.50 -29.43
C VAL A 211 9.53 -4.98 -28.33
N ALA A 212 9.00 -5.55 -27.23
CA ALA A 212 9.86 -5.93 -26.11
C ALA A 212 10.90 -6.97 -26.51
N PHE A 213 10.50 -7.96 -27.31
CA PHE A 213 11.51 -8.96 -27.77
C PHE A 213 12.46 -8.47 -28.84
N ARG A 214 12.03 -7.51 -29.64
CA ARG A 214 12.99 -6.86 -30.52
C ARG A 214 13.98 -6.04 -29.70
N ALA A 215 13.52 -5.43 -28.62
CA ALA A 215 14.46 -4.71 -27.73
C ALA A 215 15.47 -5.67 -27.09
N VAL A 216 15.02 -6.85 -26.65
CA VAL A 216 15.95 -7.86 -26.12
C VAL A 216 17.05 -8.16 -27.13
N HIS A 217 16.59 -8.41 -28.36
CA HIS A 217 17.51 -8.78 -29.42
C HIS A 217 18.46 -7.64 -29.78
N ASN A 218 17.94 -6.40 -29.89
CA ASN A 218 18.81 -5.27 -30.21
C ASN A 218 19.80 -4.91 -29.11
N LEU A 219 19.40 -5.15 -27.86
CA LEU A 219 20.30 -4.95 -26.73
C LEU A 219 21.50 -5.88 -26.88
N LEU A 220 21.26 -7.16 -27.23
CA LEU A 220 22.37 -8.10 -27.46
C LEU A 220 23.25 -7.63 -28.61
N ARG A 221 22.61 -7.22 -29.73
CA ARG A 221 23.38 -6.74 -30.89
C ARG A 221 24.21 -5.52 -30.55
N ALA A 222 23.63 -4.61 -29.78
CA ALA A 222 24.31 -3.36 -29.41
C ALA A 222 25.48 -3.68 -28.47
N HIS A 223 25.22 -4.53 -27.48
CA HIS A 223 26.27 -4.97 -26.57
C HIS A 223 27.45 -5.53 -27.34
N ALA A 224 27.17 -6.45 -28.27
CA ALA A 224 28.23 -7.14 -29.01
C ALA A 224 29.02 -6.16 -29.88
N ARG A 225 28.33 -5.20 -30.52
CA ARG A 225 29.04 -4.17 -31.30
C ARG A 225 29.98 -3.32 -30.43
N ALA A 226 29.51 -2.96 -29.24
CA ALA A 226 30.34 -2.22 -28.31
C ALA A 226 31.58 -3.02 -27.91
N VAL A 227 31.41 -4.31 -27.62
CA VAL A 227 32.58 -5.13 -27.23
C VAL A 227 33.54 -5.19 -28.41
N LYS A 228 33.01 -5.32 -29.61
CA LYS A 228 33.87 -5.43 -30.79
CA LYS A 228 33.87 -5.42 -30.81
C LYS A 228 34.74 -4.17 -30.95
N VAL A 229 34.14 -2.99 -30.77
CA VAL A 229 34.93 -1.76 -30.90
C VAL A 229 35.85 -1.56 -29.69
N PHE A 230 35.45 -2.09 -28.52
CA PHE A 230 36.32 -2.03 -27.33
C PHE A 230 37.64 -2.73 -27.65
N ARG A 231 37.57 -3.86 -28.36
CA ARG A 231 38.80 -4.62 -28.67
C ARG A 231 39.76 -3.84 -29.57
N GLU A 232 39.20 -2.91 -30.35
CA GLU A 232 40.02 -2.01 -31.19
C GLU A 232 40.60 -0.82 -30.45
N THR A 233 39.93 -0.40 -29.38
CA THR A 233 40.19 0.90 -28.77
C THR A 233 40.75 0.89 -27.36
N VAL A 234 40.49 -0.18 -26.62
CA VAL A 234 40.99 -0.33 -25.25
C VAL A 234 41.64 -1.71 -25.12
N LYS A 235 42.85 -1.83 -25.68
CA LYS A 235 43.46 -3.17 -25.80
C LYS A 235 43.90 -3.76 -24.48
N ASP A 236 44.05 -2.92 -23.46
CA ASP A 236 44.45 -3.36 -22.14
C ASP A 236 43.26 -3.45 -21.15
N GLY A 237 42.03 -3.32 -21.68
CA GLY A 237 40.86 -3.25 -20.80
C GLY A 237 40.08 -4.55 -20.67
N LYS A 238 39.07 -4.53 -19.80
CA LYS A 238 38.13 -5.63 -19.66
C LYS A 238 36.71 -5.08 -19.76
N ILE A 239 35.87 -5.81 -20.46
CA ILE A 239 34.46 -5.38 -20.65
C ILE A 239 33.49 -6.53 -20.35
N GLY A 240 32.35 -6.17 -19.77
CA GLY A 240 31.34 -7.17 -19.36
C GLY A 240 29.97 -6.57 -19.51
N ILE A 241 29.01 -7.22 -18.87
CA ILE A 241 27.59 -6.91 -19.01
C ILE A 241 26.90 -7.36 -17.74
N VAL A 242 25.84 -6.65 -17.33
CA VAL A 242 25.20 -6.84 -16.02
C VAL A 242 23.77 -7.33 -16.15
N PHE A 243 23.42 -8.36 -15.36
CA PHE A 243 22.05 -8.91 -15.43
C PHE A 243 21.37 -8.90 -14.08
N ASN A 244 20.08 -8.55 -14.08
CA ASN A 244 19.26 -8.76 -12.88
C ASN A 244 19.00 -10.28 -12.69
N ASN A 245 18.89 -10.70 -11.43
CA ASN A 245 18.57 -12.11 -11.13
C ASN A 245 17.74 -12.19 -9.88
N GLY A 246 16.81 -13.15 -9.88
CA GLY A 246 16.04 -13.45 -8.66
C GLY A 246 16.19 -14.93 -8.39
N TYR A 247 16.03 -15.32 -7.13
CA TYR A 247 16.02 -16.73 -6.77
C TYR A 247 14.60 -17.30 -6.75
N PHE A 248 14.27 -18.06 -7.77
CA PHE A 248 12.93 -18.63 -7.91
C PHE A 248 12.88 -20.05 -7.37
N GLU A 249 11.88 -20.28 -6.51
CA GLU A 249 11.70 -21.58 -5.89
C GLU A 249 10.26 -22.03 -6.16
N PRO A 250 10.07 -23.35 -6.36
CA PRO A 250 8.74 -23.84 -6.74
C PRO A 250 7.78 -24.00 -5.57
N ALA A 251 6.53 -23.63 -5.79
CA ALA A 251 5.51 -23.70 -4.73
C ALA A 251 5.20 -25.14 -4.32
N SER A 252 5.40 -26.08 -5.25
CA SER A 252 5.15 -27.49 -4.98
C SER A 252 6.06 -28.35 -5.83
N GLU A 253 6.01 -29.67 -5.63
CA GLU A 253 6.78 -30.60 -6.44
C GLU A 253 6.06 -30.96 -7.75
N LYS A 254 4.91 -30.36 -8.01
CA LYS A 254 4.23 -30.59 -9.29
C LYS A 254 5.16 -30.22 -10.45
N GLU A 255 5.15 -31.05 -11.49
CA GLU A 255 5.98 -30.79 -12.67
C GLU A 255 5.74 -29.38 -13.23
N GLU A 256 4.48 -28.94 -13.29
CA GLU A 256 4.13 -27.60 -13.79
C GLU A 256 4.78 -26.46 -12.99
N ASP A 257 4.91 -26.64 -11.67
CA ASP A 257 5.56 -25.60 -10.83
C ASP A 257 7.08 -25.63 -11.02
N ILE A 258 7.65 -26.82 -11.11
CA ILE A 258 9.09 -26.98 -11.39
CA ILE A 258 9.10 -26.91 -11.35
C ILE A 258 9.41 -26.30 -12.73
N ARG A 259 8.55 -26.55 -13.71
CA ARG A 259 8.77 -25.96 -15.04
C ARG A 259 8.63 -24.42 -15.00
N ALA A 260 7.67 -23.92 -14.24
CA ALA A 260 7.47 -22.47 -14.11
C ALA A 260 8.74 -21.82 -13.55
N VAL A 261 9.32 -22.43 -12.53
CA VAL A 261 10.64 -21.97 -11.98
C VAL A 261 11.72 -21.96 -13.09
N ARG A 262 11.81 -23.03 -13.86
CA ARG A 262 12.81 -23.12 -14.94
C ARG A 262 12.60 -22.00 -15.95
N PHE A 263 11.34 -21.73 -16.27
CA PHE A 263 11.02 -20.65 -17.18
C PHE A 263 11.44 -19.32 -16.60
N MET A 264 11.14 -19.07 -15.33
CA MET A 264 11.49 -17.78 -14.73
C MET A 264 13.00 -17.61 -14.74
N HIS A 265 13.74 -18.67 -14.45
CA HIS A 265 15.20 -18.54 -14.46
C HIS A 265 15.68 -18.26 -15.86
N GLN A 266 15.16 -18.97 -16.85
CA GLN A 266 15.68 -18.75 -18.23
C GLN A 266 15.30 -17.37 -18.80
N PHE A 267 14.13 -16.90 -18.44
CA PHE A 267 13.62 -15.62 -18.96
C PHE A 267 14.10 -14.41 -18.16
N ASN A 268 13.96 -14.48 -16.83
CA ASN A 268 14.19 -13.30 -15.98
C ASN A 268 15.62 -13.14 -15.55
N ASN A 269 16.40 -14.25 -15.56
CA ASN A 269 17.78 -14.23 -15.09
C ASN A 269 18.78 -14.23 -16.24
N TYR A 270 20.07 -14.30 -15.90
CA TYR A 270 21.14 -14.26 -16.93
C TYR A 270 20.98 -15.16 -18.18
N PRO A 271 20.32 -16.36 -18.09
CA PRO A 271 20.38 -17.17 -19.34
C PRO A 271 19.78 -16.51 -20.59
N LEU A 272 18.79 -15.63 -20.41
CA LEU A 272 18.17 -14.99 -21.58
C LEU A 272 19.25 -14.36 -22.47
N PHE A 273 20.30 -13.82 -21.82
CA PHE A 273 21.41 -13.16 -22.53
C PHE A 273 22.66 -13.99 -22.66
N LEU A 274 22.97 -14.83 -21.66
CA LEU A 274 24.16 -15.65 -21.73
C LEU A 274 24.03 -16.88 -22.64
N ASN A 275 22.81 -17.44 -22.82
CA ASN A 275 22.70 -18.49 -23.83
C ASN A 275 23.07 -17.93 -25.20
N PRO A 276 22.55 -16.76 -25.59
CA PRO A 276 23.06 -16.17 -26.82
C PRO A 276 24.57 -15.92 -26.81
N ILE A 277 25.09 -15.28 -25.77
CA ILE A 277 26.49 -14.92 -25.78
C ILE A 277 27.43 -16.13 -25.78
N TYR A 278 27.11 -17.16 -25.00
CA TYR A 278 27.99 -18.35 -24.86
C TYR A 278 27.63 -19.49 -25.81
N ARG A 279 26.36 -19.62 -26.17
CA ARG A 279 25.89 -20.78 -26.96
C ARG A 279 25.23 -20.43 -28.28
N GLY A 280 25.04 -19.15 -28.59
CA GLY A 280 24.51 -18.75 -29.89
C GLY A 280 23.02 -18.92 -30.13
N ASP A 281 22.22 -19.05 -29.08
CA ASP A 281 20.75 -18.98 -29.23
C ASP A 281 20.10 -18.66 -27.90
N TYR A 282 18.84 -18.24 -27.94
CA TYR A 282 18.07 -18.00 -26.72
C TYR A 282 17.82 -19.34 -26.01
N PRO A 283 17.58 -19.28 -24.69
CA PRO A 283 17.28 -20.54 -23.93
C PRO A 283 16.01 -21.22 -24.41
N GLU A 284 15.99 -22.55 -24.27
CA GLU A 284 14.88 -23.37 -24.72
C GLU A 284 13.51 -22.87 -24.34
N LEU A 285 13.26 -22.55 -23.07
CA LEU A 285 11.92 -22.17 -22.66
C LEU A 285 11.56 -20.76 -23.11
N VAL A 286 12.59 -19.95 -23.39
CA VAL A 286 12.34 -18.63 -23.91
C VAL A 286 11.88 -18.76 -25.35
N LEU A 287 12.58 -19.59 -26.13
CA LEU A 287 12.13 -19.84 -27.52
C LEU A 287 10.71 -20.42 -27.57
N GLU A 288 10.41 -21.34 -26.67
CA GLU A 288 9.08 -21.95 -26.64
C GLU A 288 8.02 -20.87 -26.43
N PHE A 289 8.27 -19.98 -25.48
CA PHE A 289 7.36 -18.87 -25.11
C PHE A 289 7.28 -17.76 -26.17
N ALA A 290 8.43 -17.40 -26.75
CA ALA A 290 8.55 -16.10 -27.39
C ALA A 290 8.99 -16.12 -28.85
N ARG A 291 9.17 -17.30 -29.44
CA ARG A 291 9.76 -17.29 -30.78
C ARG A 291 8.95 -16.41 -31.74
N GLU A 292 7.61 -16.44 -31.60
CA GLU A 292 6.75 -15.61 -32.46
C GLU A 292 6.97 -14.10 -32.31
N TYR A 293 7.54 -13.69 -31.18
CA TYR A 293 7.78 -12.27 -30.93
C TYR A 293 9.16 -11.79 -31.37
N LEU A 294 10.05 -12.73 -31.63
CA LEU A 294 11.39 -12.40 -32.08
C LEU A 294 11.40 -12.10 -33.56
N PRO A 295 12.42 -11.34 -34.03
CA PRO A 295 12.53 -11.06 -35.47
C PRO A 295 12.62 -12.38 -36.22
N GLU A 296 12.08 -12.46 -37.43
CA GLU A 296 12.01 -13.74 -38.15
C GLU A 296 13.36 -14.48 -38.27
N ASN A 297 14.38 -13.76 -38.71
CA ASN A 297 15.70 -14.33 -38.92
C ASN A 297 16.66 -13.84 -37.85
N TYR A 298 16.17 -13.82 -36.63
CA TYR A 298 17.00 -13.37 -35.50
C TYR A 298 18.31 -14.15 -35.44
N LYS A 299 18.29 -15.42 -35.86
CA LYS A 299 19.47 -16.26 -35.68
C LYS A 299 20.64 -15.79 -36.55
N ASP A 300 20.34 -15.03 -37.60
CA ASP A 300 21.39 -14.43 -38.43
C ASP A 300 22.38 -13.61 -37.61
N ASP A 301 21.92 -13.04 -36.48
CA ASP A 301 22.75 -12.12 -35.68
C ASP A 301 23.54 -12.83 -34.59
N MET A 302 23.26 -14.12 -34.39
CA MET A 302 23.86 -14.82 -33.26
C MET A 302 25.37 -14.99 -33.36
N SER A 303 25.89 -15.15 -34.59
CA SER A 303 27.35 -15.19 -34.75
C SER A 303 28.03 -13.95 -34.21
N GLU A 304 27.43 -12.77 -34.40
CA GLU A 304 28.02 -11.51 -33.93
C GLU A 304 27.83 -11.39 -32.41
N ILE A 305 26.70 -11.88 -31.93
CA ILE A 305 26.35 -11.75 -30.52
C ILE A 305 27.31 -12.54 -29.65
N GLN A 306 27.94 -13.56 -30.22
CA GLN A 306 28.92 -14.35 -29.44
C GLN A 306 30.28 -13.66 -29.12
N GLU A 307 30.41 -12.38 -29.45
CA GLU A 307 31.66 -11.63 -29.21
C GLU A 307 32.16 -11.89 -27.80
N LYS A 308 33.44 -12.26 -27.63
CA LYS A 308 33.90 -12.70 -26.29
C LYS A 308 33.84 -11.60 -25.21
N ILE A 309 33.32 -11.92 -24.03
CA ILE A 309 33.31 -10.95 -22.90
C ILE A 309 34.29 -11.34 -21.80
N ASP A 310 34.70 -10.37 -20.99
CA ASP A 310 35.75 -10.69 -19.96
C ASP A 310 35.17 -11.06 -18.64
N PHE A 311 33.96 -10.55 -18.35
CA PHE A 311 33.34 -10.86 -17.07
C PHE A 311 31.83 -10.71 -17.16
N VAL A 312 31.18 -11.36 -16.20
CA VAL A 312 29.72 -11.22 -16.06
C VAL A 312 29.43 -10.54 -14.75
N GLY A 313 28.55 -9.52 -14.79
CA GLY A 313 28.07 -8.87 -13.58
C GLY A 313 26.68 -9.40 -13.26
N LEU A 314 26.49 -9.81 -12.02
CA LEU A 314 25.17 -10.24 -11.59
C LEU A 314 24.67 -9.30 -10.49
N ASN A 315 23.44 -8.80 -10.65
CA ASN A 315 22.76 -8.06 -9.60
C ASN A 315 21.84 -9.05 -8.91
N TYR A 316 21.69 -8.88 -7.61
CA TYR A 316 20.80 -9.77 -6.84
C TYR A 316 20.16 -9.03 -5.67
N TYR A 317 18.83 -9.17 -5.52
CA TYR A 317 18.14 -8.55 -4.38
C TYR A 317 17.24 -9.48 -3.61
N SER A 318 16.53 -10.37 -4.32
CA SER A 318 15.38 -11.05 -3.69
C SER A 318 15.07 -12.42 -4.29
N GLY A 319 14.16 -13.13 -3.60
CA GLY A 319 13.71 -14.45 -3.99
C GLY A 319 12.20 -14.45 -4.11
N HIS A 320 11.67 -15.45 -4.82
CA HIS A 320 10.24 -15.54 -5.05
C HIS A 320 9.83 -17.01 -5.11
N LEU A 321 8.69 -17.30 -4.47
CA LEU A 321 8.07 -18.61 -4.61
C LEU A 321 7.13 -18.55 -5.80
N VAL A 322 7.21 -19.55 -6.68
CA VAL A 322 6.59 -19.45 -7.99
C VAL A 322 5.64 -20.62 -8.22
N LYS A 323 4.50 -20.34 -8.87
CA LYS A 323 3.57 -21.39 -9.25
C LYS A 323 3.15 -21.25 -10.71
N PHE A 324 2.86 -22.37 -11.35
CA PHE A 324 2.17 -22.34 -12.62
C PHE A 324 0.78 -21.72 -12.44
N ASP A 325 0.39 -20.84 -13.35
CA ASP A 325 -0.93 -20.25 -13.34
C ASP A 325 -1.41 -19.95 -14.77
N PRO A 326 -2.41 -20.70 -15.26
CA PRO A 326 -2.88 -20.48 -16.64
C PRO A 326 -3.53 -19.11 -16.88
N ASP A 327 -3.87 -18.39 -15.82
CA ASP A 327 -4.46 -17.05 -15.94
C ASP A 327 -3.42 -15.93 -15.97
N ALA A 328 -2.18 -16.27 -15.60
CA ALA A 328 -1.11 -15.29 -15.50
C ALA A 328 -0.43 -15.08 -16.84
N ALA A 330 2.37 -14.77 -18.55
CA ALA A 330 3.37 -15.75 -18.93
C ALA A 330 3.17 -17.08 -18.18
N LYS A 331 1.96 -17.29 -17.66
CA LYS A 331 1.56 -18.56 -17.04
C LYS A 331 2.29 -18.85 -15.73
N VAL A 332 2.78 -17.80 -15.10
CA VAL A 332 3.47 -17.91 -13.82
C VAL A 332 2.89 -16.89 -12.86
N SER A 333 2.53 -17.31 -11.66
CA SER A 333 2.23 -16.35 -10.61
C SER A 333 3.15 -16.56 -9.42
N PHE A 334 3.35 -15.49 -8.65
CA PHE A 334 4.14 -15.52 -7.42
C PHE A 334 3.26 -15.79 -6.22
N VAL A 335 3.82 -16.48 -5.25
CA VAL A 335 3.10 -16.87 -4.03
C VAL A 335 3.77 -16.14 -2.87
N GLU A 336 3.01 -15.29 -2.19
CA GLU A 336 3.59 -14.55 -1.07
C GLU A 336 3.97 -15.51 0.04
N ARG A 337 5.16 -15.29 0.62
CA ARG A 337 5.63 -16.05 1.77
C ARG A 337 5.79 -15.14 2.98
N ASP A 338 5.65 -15.73 4.17
CA ASP A 338 5.81 -15.02 5.43
C ASP A 338 7.30 -15.00 5.77
N LEU A 339 8.03 -14.20 5.00
CA LEU A 339 9.45 -14.08 5.17
C LEU A 339 9.70 -12.60 5.41
N PRO A 340 10.82 -12.26 6.07
CA PRO A 340 11.10 -10.84 6.27
C PRO A 340 11.26 -10.14 4.94
N LYS A 341 10.80 -8.89 4.88
CA LYS A 341 10.79 -8.12 3.63
C LYS A 341 11.43 -6.77 3.81
N THR A 342 11.92 -6.22 2.69
CA THR A 342 12.40 -4.85 2.73
C THR A 342 11.27 -3.85 2.52
N ALA A 343 11.63 -2.55 2.52
CA ALA A 343 10.65 -1.46 2.29
C ALA A 343 10.10 -1.53 0.86
N MET A 344 10.73 -2.32 0.00
CA MET A 344 10.20 -2.53 -1.37
C MET A 344 9.15 -3.63 -1.38
N GLY A 345 9.00 -4.35 -0.27
CA GLY A 345 8.15 -5.56 -0.24
C GLY A 345 8.86 -6.81 -0.71
N TRP A 346 10.16 -6.73 -0.91
CA TRP A 346 10.92 -7.83 -1.48
C TRP A 346 11.41 -8.80 -0.41
N GLU A 347 11.17 -10.08 -0.64
CA GLU A 347 11.57 -11.08 0.36
C GLU A 347 13.10 -11.16 0.48
N ILE A 348 13.57 -11.30 1.72
CA ILE A 348 15.00 -11.39 2.02
C ILE A 348 15.38 -12.86 2.06
N VAL A 349 16.10 -13.28 1.01
CA VAL A 349 16.47 -14.69 0.80
C VAL A 349 17.95 -14.72 0.44
N PRO A 350 18.82 -14.62 1.45
CA PRO A 350 20.26 -14.48 1.17
C PRO A 350 20.85 -15.66 0.43
N GLU A 351 20.31 -16.86 0.63
CA GLU A 351 20.89 -18.01 -0.06
C GLU A 351 20.75 -17.92 -1.57
N GLY A 352 19.84 -17.06 -2.05
CA GLY A 352 19.67 -16.91 -3.47
C GLY A 352 20.92 -16.34 -4.13
N ILE A 353 21.70 -15.56 -3.39
CA ILE A 353 22.94 -15.00 -4.01
C ILE A 353 23.97 -16.11 -4.18
N TYR A 354 23.99 -17.04 -3.24
CA TYR A 354 24.81 -18.24 -3.41
C TYR A 354 24.31 -19.09 -4.57
N TRP A 355 23.00 -19.32 -4.62
CA TRP A 355 22.42 -20.13 -5.68
C TRP A 355 22.75 -19.57 -7.06
N ILE A 356 22.50 -18.26 -7.25
CA ILE A 356 22.76 -17.68 -8.57
C ILE A 356 24.23 -17.74 -8.98
N LEU A 357 25.13 -17.58 -8.02
CA LEU A 357 26.57 -17.68 -8.34
C LEU A 357 26.99 -19.11 -8.71
N LYS A 358 26.48 -20.07 -7.95
CA LYS A 358 26.76 -21.47 -8.27
C LYS A 358 26.20 -21.80 -9.64
N LYS A 359 24.99 -21.30 -9.91
CA LYS A 359 24.33 -21.67 -11.15
C LYS A 359 25.02 -21.03 -12.37
N VAL A 360 25.52 -19.80 -12.23
CA VAL A 360 26.14 -19.19 -13.40
C VAL A 360 27.40 -19.95 -13.78
N LYS A 361 28.12 -20.41 -12.77
CA LYS A 361 29.31 -21.23 -13.04
C LYS A 361 28.90 -22.55 -13.68
N GLU A 362 27.88 -23.19 -13.12
CA GLU A 362 27.45 -24.52 -13.62
C GLU A 362 27.03 -24.44 -15.09
N GLU A 363 26.29 -23.38 -15.41
CA GLU A 363 25.69 -23.23 -16.74
C GLU A 363 26.60 -22.66 -17.80
N TYR A 364 27.34 -21.60 -17.46
CA TYR A 364 28.15 -20.91 -18.47
C TYR A 364 29.63 -20.77 -18.16
N ASN A 365 30.03 -21.09 -16.94
CA ASN A 365 31.44 -21.01 -16.57
C ASN A 365 32.17 -19.72 -17.04
N PRO A 366 31.60 -18.56 -16.73
CA PRO A 366 32.31 -17.35 -17.11
C PRO A 366 33.63 -17.25 -16.34
N PRO A 367 34.63 -16.64 -16.95
CA PRO A 367 35.96 -16.64 -16.32
C PRO A 367 36.04 -15.75 -15.09
N GLU A 368 35.18 -14.72 -15.03
CA GLU A 368 35.17 -13.81 -13.89
C GLU A 368 33.74 -13.40 -13.68
N VAL A 369 33.35 -13.27 -12.41
CA VAL A 369 32.01 -12.79 -12.07
C VAL A 369 32.14 -11.71 -11.01
N TYR A 370 31.30 -10.67 -11.10
CA TYR A 370 31.15 -9.68 -10.03
C TYR A 370 29.70 -9.65 -9.58
N ILE A 371 29.46 -9.42 -8.28
CA ILE A 371 28.14 -8.97 -7.83
C ILE A 371 28.19 -7.45 -8.03
N THR A 372 27.47 -6.99 -9.07
CA THR A 372 27.55 -5.59 -9.42
C THR A 372 26.52 -4.71 -8.71
N GLU A 373 25.54 -5.34 -8.05
CA GLU A 373 24.64 -4.67 -7.10
C GLU A 373 24.09 -5.68 -6.12
N ASN A 374 24.06 -5.28 -4.86
CA ASN A 374 23.26 -5.97 -3.86
C ASN A 374 22.98 -4.93 -2.79
N GLY A 375 21.78 -4.91 -2.21
CA GLY A 375 21.44 -3.84 -1.29
C GLY A 375 20.00 -3.96 -0.86
N ALA A 376 19.54 -2.99 -0.08
CA ALA A 376 18.19 -3.03 0.46
C ALA A 376 17.67 -1.66 0.83
N ALA A 377 16.37 -1.47 0.61
CA ALA A 377 15.69 -0.26 1.01
C ALA A 377 14.98 -0.55 2.33
N PHE A 378 15.21 0.32 3.31
CA PHE A 378 14.50 0.29 4.60
C PHE A 378 14.09 1.71 4.95
N ASP A 379 13.11 1.85 5.86
CA ASP A 379 12.60 3.15 6.27
C ASP A 379 13.58 3.84 7.22
N ASP A 380 14.55 4.56 6.67
CA ASP A 380 15.61 5.16 7.47
C ASP A 380 15.14 6.47 8.09
N VAL A 381 15.58 6.74 9.32
CA VAL A 381 15.31 8.06 9.93
C VAL A 381 16.58 8.56 10.60
N VAL A 382 16.67 9.88 10.72
CA VAL A 382 17.79 10.49 11.45
C VAL A 382 17.32 10.66 12.89
N SER A 383 18.05 10.03 13.80
CA SER A 383 17.69 10.11 15.22
C SER A 383 18.25 11.40 15.82
N GLU A 384 17.95 11.62 17.10
CA GLU A 384 18.31 12.88 17.76
C GLU A 384 19.81 13.08 17.89
N ASP A 385 20.54 11.96 17.83
CA ASP A 385 22.00 11.96 17.86
C ASP A 385 22.62 12.36 16.51
N GLY A 386 21.75 12.61 15.54
CA GLY A 386 22.13 12.98 14.18
C GLY A 386 22.64 11.82 13.33
N ARG A 387 22.45 10.59 13.83
CA ARG A 387 22.88 9.37 13.15
C ARG A 387 21.72 8.67 12.46
N VAL A 388 22.07 7.74 11.57
CA VAL A 388 21.09 6.87 10.92
C VAL A 388 21.38 5.43 11.24
N HIS A 389 20.55 4.88 12.13
CA HIS A 389 20.82 3.56 12.67
C HIS A 389 20.08 2.51 11.88
N ASP A 390 20.75 1.94 10.89
CA ASP A 390 20.08 0.98 10.02
C ASP A 390 20.59 -0.43 10.21
N GLN A 391 20.42 -0.99 11.41
CA GLN A 391 20.84 -2.37 11.66
C GLN A 391 20.22 -3.35 10.66
N ASN A 392 19.00 -3.09 10.23
CA ASN A 392 18.33 -3.98 9.28
C ASN A 392 19.13 -4.05 7.98
N ARG A 393 19.64 -2.89 7.53
CA ARG A 393 20.49 -2.91 6.31
C ARG A 393 21.80 -3.66 6.51
N ILE A 394 22.47 -3.44 7.66
CA ILE A 394 23.63 -4.25 8.02
C ILE A 394 23.32 -5.74 7.99
N ASP A 395 22.22 -6.16 8.64
CA ASP A 395 21.93 -7.58 8.68
C ASP A 395 21.75 -8.16 7.27
N TYR A 396 21.08 -7.38 6.43
CA TYR A 396 20.88 -7.76 5.03
C TYR A 396 22.21 -7.93 4.32
N LEU A 397 23.06 -6.91 4.37
CA LEU A 397 24.32 -6.96 3.66
C LEU A 397 25.21 -8.09 4.19
N LYS A 398 25.25 -8.25 5.52
CA LYS A 398 26.08 -9.28 6.12
CA LYS A 398 26.10 -9.29 6.11
C LYS A 398 25.68 -10.68 5.63
N ALA A 399 24.38 -10.94 5.60
CA ALA A 399 23.90 -12.26 5.19
C ALA A 399 24.27 -12.57 3.75
N HIS A 400 24.11 -11.56 2.88
CA HIS A 400 24.41 -11.81 1.48
C HIS A 400 25.92 -11.92 1.20
N ILE A 401 26.72 -11.09 1.87
CA ILE A 401 28.18 -11.19 1.75
C ILE A 401 28.68 -12.57 2.23
N GLY A 402 28.11 -13.07 3.32
CA GLY A 402 28.48 -14.41 3.79
C GLY A 402 28.17 -15.50 2.77
N GLN A 403 27.03 -15.37 2.08
CA GLN A 403 26.68 -16.34 1.03
C GLN A 403 27.57 -16.23 -0.21
N ALA A 404 27.97 -15.02 -0.55
CA ALA A 404 28.93 -14.80 -1.62
C ALA A 404 30.26 -15.49 -1.29
N TRP A 405 30.67 -15.36 -0.02
CA TRP A 405 31.89 -15.98 0.45
C TRP A 405 31.81 -17.51 0.29
N LYS A 406 30.66 -18.10 0.64
CA LYS A 406 30.45 -19.53 0.45
C LYS A 406 30.61 -19.93 -1.01
N ALA A 407 30.03 -19.14 -1.92
CA ALA A 407 30.21 -19.41 -3.35
C ALA A 407 31.71 -19.46 -3.76
N ILE A 408 32.50 -18.50 -3.25
CA ILE A 408 33.95 -18.48 -3.52
C ILE A 408 34.63 -19.73 -3.00
N GLN A 409 34.25 -20.18 -1.81
CA GLN A 409 34.90 -21.38 -1.24
C GLN A 409 34.64 -22.60 -2.11
N GLU A 410 33.50 -22.59 -2.79
CA GLU A 410 33.07 -23.66 -3.69
C GLU A 410 33.46 -23.47 -5.14
N GLY A 411 34.33 -22.49 -5.41
CA GLY A 411 35.00 -22.39 -6.69
C GLY A 411 34.47 -21.38 -7.68
N VAL A 412 33.49 -20.58 -7.28
CA VAL A 412 32.96 -19.56 -8.20
C VAL A 412 34.00 -18.43 -8.28
N PRO A 413 34.37 -18.02 -9.52
CA PRO A 413 35.42 -16.99 -9.66
C PRO A 413 34.85 -15.59 -9.42
N LEU A 414 34.32 -15.38 -8.23
CA LEU A 414 33.78 -14.06 -7.84
C LEU A 414 34.92 -13.10 -7.47
N LYS A 415 35.03 -12.00 -8.24
CA LYS A 415 36.17 -11.08 -8.16
C LYS A 415 35.87 -9.79 -7.36
N GLY A 416 34.59 -9.53 -7.13
CA GLY A 416 34.21 -8.32 -6.40
C GLY A 416 32.75 -8.26 -6.06
N TYR A 417 32.41 -7.28 -5.24
CA TYR A 417 31.04 -7.08 -4.73
C TYR A 417 30.80 -5.59 -4.56
N PHE A 418 29.72 -5.09 -5.16
CA PHE A 418 29.37 -3.67 -5.09
C PHE A 418 28.06 -3.49 -4.36
N VAL A 419 28.06 -2.66 -3.32
CA VAL A 419 26.81 -2.34 -2.63
C VAL A 419 26.00 -1.34 -3.45
N TRP A 420 24.72 -1.63 -3.68
CA TRP A 420 23.79 -0.63 -4.16
C TRP A 420 23.12 -0.06 -2.89
N SER A 421 23.29 1.24 -2.56
CA SER A 421 24.03 2.23 -3.34
C SER A 421 24.92 3.03 -2.38
N LEU A 422 25.90 3.77 -2.91
CA LEU A 422 26.58 4.78 -2.09
C LEU A 422 25.58 5.72 -1.39
N LEU A 423 24.58 6.20 -2.16
CA LEU A 423 23.70 7.29 -1.75
C LEU A 423 22.24 6.83 -1.89
N ASP A 424 21.41 7.28 -0.96
CA ASP A 424 19.96 7.30 -1.24
C ASP A 424 19.75 8.11 -2.53
N ASN A 425 18.79 7.68 -3.34
CA ASN A 425 18.69 8.30 -4.67
C ASN A 425 17.30 8.10 -5.28
N PHE A 426 17.13 8.55 -6.51
CA PHE A 426 15.84 8.42 -7.23
C PHE A 426 15.61 6.95 -7.62
N GLU A 427 14.71 6.27 -6.91
CA GLU A 427 14.41 4.86 -7.17
C GLU A 427 13.35 4.70 -8.29
N TRP A 428 13.72 5.20 -9.48
CA TRP A 428 12.89 4.99 -10.68
C TRP A 428 11.42 5.27 -10.41
N ALA A 429 10.52 4.36 -10.71
CA ALA A 429 9.08 4.65 -10.63
C ALA A 429 8.59 4.82 -9.22
N GLU A 430 9.43 4.43 -8.25
CA GLU A 430 9.13 4.65 -6.83
C GLU A 430 9.58 6.01 -6.35
N GLY A 431 10.38 6.73 -7.14
CA GLY A 431 10.89 8.06 -6.76
C GLY A 431 11.75 8.03 -5.51
N TYR A 432 11.72 9.12 -4.73
CA TYR A 432 12.68 9.26 -3.62
C TYR A 432 12.26 8.54 -2.34
N SER A 433 11.06 7.95 -2.37
CA SER A 433 10.50 7.26 -1.18
C SER A 433 11.31 6.04 -0.73
N LYS A 434 12.12 5.47 -1.62
CA LYS A 434 12.85 4.27 -1.28
C LYS A 434 14.33 4.57 -1.19
N ARG A 435 14.90 4.30 -0.01
CA ARG A 435 16.27 4.70 0.31
C ARG A 435 17.19 3.49 0.35
N PHE A 436 18.13 3.39 -0.60
CA PHE A 436 19.03 2.23 -0.65
C PHE A 436 20.46 2.58 -0.24
N GLY A 437 20.70 3.83 0.12
CA GLY A 437 22.09 4.22 0.40
C GLY A 437 22.70 3.59 1.64
N ILE A 438 24.03 3.54 1.65
CA ILE A 438 24.77 3.43 2.93
C ILE A 438 25.11 4.83 3.45
N VAL A 439 24.79 5.84 2.65
CA VAL A 439 24.85 7.27 3.06
C VAL A 439 23.46 7.87 2.86
N TYR A 440 22.89 8.45 3.92
CA TYR A 440 21.60 9.10 3.86
C TYR A 440 21.74 10.45 3.19
N VAL A 441 20.75 10.82 2.35
CA VAL A 441 20.70 12.15 1.78
C VAL A 441 19.43 12.87 2.26
N ASP A 442 19.62 14.01 2.92
CA ASP A 442 18.47 14.86 3.29
C ASP A 442 18.23 15.76 2.09
N TYR A 443 17.14 15.54 1.37
CA TYR A 443 16.95 16.21 0.10
C TYR A 443 16.59 17.69 0.26
N SER A 444 16.17 18.11 1.46
CA SER A 444 15.95 19.55 1.64
C SER A 444 17.23 20.36 1.68
N THR A 445 18.30 19.77 2.22
CA THR A 445 19.56 20.48 2.39
C THR A 445 20.71 19.92 1.56
N GLN A 446 20.45 18.75 0.95
CA GLN A 446 21.50 17.94 0.34
C GLN A 446 22.60 17.43 1.28
N LYS A 447 22.39 17.52 2.59
CA LYS A 447 23.36 16.95 3.51
CA LYS A 447 23.32 16.94 3.57
C LYS A 447 23.44 15.42 3.38
N ARG A 448 24.67 14.93 3.40
CA ARG A 448 24.97 13.49 3.44
C ARG A 448 25.26 13.13 4.90
N ILE A 449 24.67 12.03 5.38
CA ILE A 449 24.98 11.44 6.68
C ILE A 449 25.31 9.99 6.48
N VAL A 450 26.55 9.60 6.78
CA VAL A 450 26.94 8.20 6.69
C VAL A 450 26.06 7.38 7.64
N LYS A 451 25.44 6.33 7.12
CA LYS A 451 24.56 5.48 7.95
C LYS A 451 25.43 4.47 8.69
N ASP A 452 24.86 3.80 9.70
CA ASP A 452 25.60 2.76 10.39
C ASP A 452 26.09 1.68 9.40
N SER A 453 25.30 1.38 8.37
CA SER A 453 25.72 0.39 7.37
C SER A 453 26.99 0.85 6.60
N GLY A 454 27.13 2.15 6.41
CA GLY A 454 28.34 2.75 5.82
C GLY A 454 29.56 2.50 6.70
N TYR A 455 29.43 2.80 8.00
CA TYR A 455 30.53 2.50 8.90
C TYR A 455 30.82 1.01 8.98
N TRP A 456 29.75 0.22 9.03
CA TRP A 456 29.90 -1.24 8.97
C TRP A 456 30.68 -1.72 7.73
N TYR A 457 30.32 -1.21 6.56
CA TYR A 457 30.90 -1.70 5.35
C TYR A 457 32.37 -1.26 5.25
N SER A 458 32.66 -0.06 5.72
CA SER A 458 34.04 0.39 5.78
C SER A 458 34.87 -0.64 6.55
N ASN A 459 34.31 -1.16 7.65
CA ASN A 459 35.01 -2.16 8.44
C ASN A 459 35.15 -3.50 7.69
N VAL A 460 34.14 -3.87 6.90
CA VAL A 460 34.24 -5.06 6.06
C VAL A 460 35.42 -4.92 5.08
N VAL A 461 35.55 -3.76 4.44
CA VAL A 461 36.65 -3.53 3.52
C VAL A 461 38.00 -3.63 4.24
N LYS A 462 38.09 -2.99 5.41
CA LYS A 462 39.31 -3.03 6.24
C LYS A 462 39.73 -4.49 6.57
N ASN A 463 38.76 -5.33 6.93
CA ASN A 463 39.01 -6.72 7.32
C ASN A 463 39.08 -7.67 6.12
N ASN A 464 38.83 -7.12 4.92
CA ASN A 464 38.64 -7.94 3.72
C ASN A 464 37.64 -9.09 3.92
N GLY A 465 36.54 -8.80 4.59
CA GLY A 465 35.50 -9.80 4.83
C GLY A 465 34.80 -9.58 6.17
N LEU A 466 34.20 -10.65 6.68
CA LEU A 466 33.36 -10.55 7.86
C LEU A 466 34.11 -11.07 9.06
N GLU A 467 33.96 -10.39 10.20
CA GLU A 467 34.77 -10.72 11.37
CA GLU A 467 34.76 -10.65 11.40
C GLU A 467 33.97 -11.37 12.50
N ASP A 468 32.64 -11.29 12.44
CA ASP A 468 31.81 -12.01 13.42
C ASP A 468 30.33 -11.94 13.08
N SER B 23 6.90 -4.22 -4.55
CA SER B 23 5.96 -5.38 -4.34
C SER B 23 4.79 -5.04 -3.46
N ASN B 24 4.95 -3.98 -2.66
CA ASN B 24 4.12 -3.74 -1.51
C ASN B 24 3.12 -2.59 -1.61
N VAL B 25 3.03 -1.92 -2.76
CA VAL B 25 2.06 -0.82 -2.88
C VAL B 25 0.65 -1.41 -3.04
N LYS B 26 -0.31 -0.76 -2.36
CA LYS B 26 -1.66 -1.30 -2.28
C LYS B 26 -2.65 -0.29 -2.82
N LYS B 27 -2.88 -0.40 -4.13
CA LYS B 27 -3.79 0.49 -4.81
C LYS B 27 -5.16 -0.15 -4.79
N PHE B 28 -6.17 0.65 -4.47
CA PHE B 28 -7.56 0.19 -4.49
C PHE B 28 -8.19 0.22 -5.88
N PRO B 29 -9.36 -0.45 -6.05
CA PRO B 29 -10.05 -0.46 -7.33
C PRO B 29 -10.38 0.94 -7.80
N GLU B 30 -10.55 1.11 -9.11
CA GLU B 30 -10.94 2.40 -9.65
C GLU B 30 -12.32 2.72 -9.08
N GLY B 31 -12.49 3.96 -8.63
CA GLY B 31 -13.77 4.46 -8.12
C GLY B 31 -14.06 4.04 -6.68
N PHE B 32 -13.08 3.47 -6.01
CA PHE B 32 -13.22 3.11 -4.60
C PHE B 32 -13.52 4.37 -3.81
N LEU B 33 -14.40 4.26 -2.83
CA LEU B 33 -14.93 5.44 -2.16
C LEU B 33 -14.30 5.60 -0.78
N TRP B 34 -13.54 6.67 -0.61
CA TRP B 34 -12.91 6.99 0.67
C TRP B 34 -13.76 8.01 1.38
N GLY B 35 -14.18 7.69 2.60
CA GLY B 35 -15.03 8.62 3.34
C GLY B 35 -14.64 8.84 4.79
N VAL B 36 -15.43 9.69 5.46
CA VAL B 36 -15.36 9.86 6.92
C VAL B 36 -16.79 9.83 7.40
N ALA B 37 -16.97 9.52 8.69
CA ALA B 37 -18.31 9.25 9.21
C ALA B 37 -18.57 10.03 10.49
N THR B 38 -19.82 10.46 10.69
CA THR B 38 -20.26 11.03 11.98
C THR B 38 -21.69 10.54 12.27
N ALA B 39 -22.24 10.99 13.40
CA ALA B 39 -23.65 10.75 13.74
C ALA B 39 -24.21 12.01 14.40
N SER B 40 -25.50 12.26 14.17
CA SER B 40 -26.16 13.51 14.57
C SER B 40 -25.99 13.88 16.05
N TYR B 41 -26.39 12.99 16.94
CA TYR B 41 -26.30 13.30 18.36
C TYR B 41 -24.86 13.48 18.86
N GLN B 42 -23.90 12.83 18.22
CA GLN B 42 -22.53 12.90 18.69
C GLN B 42 -21.85 14.24 18.35
N ILE B 43 -22.31 14.90 17.29
CA ILE B 43 -21.64 16.16 16.82
C ILE B 43 -22.45 17.45 16.84
N GLU B 44 -23.78 17.34 16.70
CA GLU B 44 -24.58 18.53 16.39
C GLU B 44 -24.71 19.53 17.51
N GLY B 45 -24.99 19.06 18.73
CA GLY B 45 -25.46 19.97 19.78
C GLY B 45 -26.81 20.57 19.41
N SER B 46 -27.26 21.53 20.21
CA SER B 46 -28.54 22.20 20.02
C SER B 46 -29.68 21.21 19.78
N PRO B 47 -29.80 20.19 20.66
CA PRO B 47 -30.81 19.15 20.40
C PRO B 47 -32.24 19.64 20.34
N LEU B 48 -32.51 20.81 20.92
CA LEU B 48 -33.87 21.32 21.06
C LEU B 48 -34.12 22.60 20.26
N ALA B 49 -33.16 22.92 19.38
CA ALA B 49 -33.21 24.12 18.55
C ALA B 49 -34.28 24.00 17.48
N ASP B 50 -34.86 25.13 17.13
CA ASP B 50 -35.64 25.20 15.90
C ASP B 50 -36.75 24.15 15.84
N GLY B 51 -37.36 23.94 17.01
CA GLY B 51 -38.59 23.15 17.13
C GLY B 51 -38.40 21.64 17.20
N ALA B 52 -37.15 21.20 17.37
CA ALA B 52 -36.85 19.77 17.45
C ALA B 52 -37.46 19.15 18.70
N GLY B 53 -37.87 17.89 18.60
CA GLY B 53 -38.36 17.15 19.75
C GLY B 53 -37.17 16.56 20.48
N MET B 54 -37.35 16.22 21.74
CA MET B 54 -36.31 15.53 22.51
CA MET B 54 -36.31 15.53 22.50
C MET B 54 -36.09 14.16 21.89
N SER B 55 -34.87 13.68 21.99
CA SER B 55 -34.53 12.26 21.64
C SER B 55 -34.35 11.46 22.90
N ILE B 56 -34.27 10.14 22.74
CA ILE B 56 -33.97 9.31 23.89
C ILE B 56 -32.56 9.48 24.42
N TRP B 57 -31.63 9.96 23.58
CA TRP B 57 -30.28 10.24 24.08
C TRP B 57 -30.19 11.54 24.90
N HIS B 58 -31.07 12.49 24.59
CA HIS B 58 -31.21 13.70 25.42
C HIS B 58 -31.65 13.29 26.84
N THR B 59 -32.74 12.53 26.91
CA THR B 59 -33.26 12.17 28.24
C THR B 59 -32.35 11.19 28.98
N PHE B 60 -31.77 10.23 28.26
CA PHE B 60 -30.85 9.27 28.86
C PHE B 60 -29.60 9.98 29.37
N SER B 61 -28.98 10.87 28.57
CA SER B 61 -27.75 11.54 29.08
C SER B 61 -28.07 12.56 30.18
N HIS B 62 -29.28 13.11 30.17
CA HIS B 62 -29.72 14.04 31.24
C HIS B 62 -30.19 13.32 32.51
N THR B 63 -30.14 12.00 32.49
CA THR B 63 -30.41 11.23 33.71
C THR B 63 -29.11 10.97 34.45
N PRO B 64 -29.02 11.44 35.71
CA PRO B 64 -27.76 11.23 36.43
C PRO B 64 -27.33 9.77 36.53
N GLY B 65 -26.05 9.51 36.25
CA GLY B 65 -25.52 8.18 36.40
C GLY B 65 -25.33 7.42 35.10
N ASN B 66 -26.01 7.85 34.04
CA ASN B 66 -25.97 7.08 32.79
C ASN B 66 -24.75 7.31 31.90
N VAL B 67 -24.21 8.53 31.93
CA VAL B 67 -23.07 8.91 31.10
C VAL B 67 -21.92 9.43 31.96
N LYS B 68 -20.72 8.97 31.64
CA LYS B 68 -19.51 9.45 32.32
C LYS B 68 -19.46 10.99 32.43
N ASN B 69 -19.19 11.46 33.65
CA ASN B 69 -19.04 12.89 33.95
C ASN B 69 -20.35 13.70 33.80
N GLY B 70 -21.48 13.01 33.65
CA GLY B 70 -22.74 13.69 33.34
C GLY B 70 -22.73 14.41 31.99
N ASP B 71 -21.85 14.00 31.07
CA ASP B 71 -21.79 14.59 29.75
C ASP B 71 -23.09 14.37 28.96
N THR B 72 -23.42 15.32 28.10
CA THR B 72 -24.58 15.24 27.21
C THR B 72 -24.23 15.75 25.83
N GLY B 73 -25.15 15.55 24.87
CA GLY B 73 -25.00 16.12 23.52
C GLY B 73 -25.59 17.53 23.41
N ASP B 74 -25.75 18.23 24.52
CA ASP B 74 -26.33 19.60 24.48
C ASP B 74 -25.54 20.54 23.58
N VAL B 75 -24.21 20.39 23.58
CA VAL B 75 -23.35 21.23 22.73
C VAL B 75 -22.49 20.41 21.75
N ALA B 76 -21.82 19.36 22.26
CA ALA B 76 -21.02 18.43 21.43
C ALA B 76 -20.01 19.25 20.60
N CYS B 77 -19.99 19.07 19.28
CA CYS B 77 -19.06 19.84 18.41
C CYS B 77 -19.70 21.10 17.84
N ASP B 78 -20.90 21.43 18.31
CA ASP B 78 -21.65 22.55 17.78
C ASP B 78 -21.75 22.52 16.25
N HIS B 79 -21.87 21.32 15.69
CA HIS B 79 -21.96 21.16 14.26
C HIS B 79 -23.25 21.77 13.73
N TYR B 80 -24.26 21.90 14.59
CA TYR B 80 -25.51 22.54 14.18
C TYR B 80 -25.28 23.95 13.58
N ASN B 81 -24.34 24.68 14.18
CA ASN B 81 -23.92 25.98 13.67
C ASN B 81 -22.68 25.96 12.77
N ARG B 82 -21.81 24.95 12.97
CA ARG B 82 -20.46 24.94 12.36
C ARG B 82 -20.34 23.98 11.18
N TRP B 83 -21.48 23.49 10.71
CA TRP B 83 -21.56 22.50 9.63
C TRP B 83 -20.74 22.89 8.39
N LYS B 84 -20.81 24.17 7.99
CA LYS B 84 -20.16 24.62 6.74
C LYS B 84 -18.65 24.46 6.81
N GLU B 85 -18.09 24.92 7.93
CA GLU B 85 -16.68 24.81 8.23
C GLU B 85 -16.22 23.37 8.24
N ASP B 86 -17.06 22.48 8.80
CA ASP B 86 -16.67 21.08 8.92
C ASP B 86 -16.66 20.42 7.54
N ILE B 87 -17.63 20.78 6.70
CA ILE B 87 -17.69 20.24 5.33
C ILE B 87 -16.48 20.76 4.56
N GLU B 88 -16.10 22.03 4.82
CA GLU B 88 -14.91 22.63 4.17
C GLU B 88 -13.63 21.93 4.60
N ILE B 89 -13.63 21.31 5.78
CA ILE B 89 -12.49 20.43 6.16
C ILE B 89 -12.47 19.16 5.32
N ILE B 90 -13.62 18.50 5.19
CA ILE B 90 -13.71 17.31 4.35
C ILE B 90 -13.14 17.63 2.96
N GLU B 91 -13.60 18.75 2.38
CA GLU B 91 -13.15 19.23 1.06
C GLU B 91 -11.63 19.47 1.00
N LYS B 92 -11.09 20.14 2.02
CA LYS B 92 -9.66 20.48 2.04
CA LYS B 92 -9.67 20.48 2.01
C LYS B 92 -8.80 19.23 2.13
N LEU B 93 -9.32 18.20 2.81
CA LEU B 93 -8.64 16.90 2.92
C LEU B 93 -8.84 16.03 1.66
N GLY B 94 -9.75 16.45 0.79
CA GLY B 94 -9.98 15.75 -0.47
C GLY B 94 -10.67 14.42 -0.26
N VAL B 95 -11.36 14.30 0.86
CA VAL B 95 -12.15 13.09 1.13
C VAL B 95 -13.41 13.14 0.25
N LYS B 96 -13.82 11.98 -0.29
CA LYS B 96 -14.80 11.98 -1.39
C LYS B 96 -16.21 11.61 -0.97
N ALA B 97 -16.35 11.11 0.26
CA ALA B 97 -17.66 10.72 0.77
C ALA B 97 -17.81 11.11 2.23
N TYR B 98 -19.05 11.41 2.65
CA TYR B 98 -19.31 11.81 4.04
C TYR B 98 -20.53 11.02 4.49
N ARG B 99 -20.33 10.12 5.44
CA ARG B 99 -21.47 9.40 6.07
C ARG B 99 -21.91 10.20 7.31
N PHE B 100 -23.18 10.60 7.34
CA PHE B 100 -23.72 11.37 8.45
C PHE B 100 -25.12 10.84 8.73
N SER B 101 -25.63 11.10 9.93
CA SER B 101 -26.98 10.66 10.27
C SER B 101 -27.92 11.82 10.38
N ILE B 102 -29.21 11.51 10.23
CA ILE B 102 -30.24 12.51 10.37
C ILE B 102 -30.96 12.25 11.71
N SER B 103 -31.14 13.33 12.48
CA SER B 103 -31.87 13.27 13.76
C SER B 103 -33.36 13.19 13.51
N TRP B 104 -33.94 12.02 13.73
CA TRP B 104 -35.37 11.83 13.56
C TRP B 104 -36.25 12.92 14.22
N PRO B 105 -36.02 13.23 15.52
CA PRO B 105 -36.86 14.25 16.16
C PRO B 105 -36.64 15.70 15.69
N ARG B 106 -35.57 15.93 14.91
CA ARG B 106 -35.47 17.22 14.21
C ARG B 106 -36.47 17.29 13.07
N ILE B 107 -36.76 16.15 12.45
CA ILE B 107 -37.64 16.08 11.28
C ILE B 107 -39.08 15.95 11.69
N LEU B 108 -39.34 15.08 12.67
CA LEU B 108 -40.71 14.81 13.14
C LEU B 108 -40.62 14.87 14.65
N PRO B 109 -40.87 16.06 15.22
CA PRO B 109 -40.66 16.25 16.65
C PRO B 109 -41.41 15.27 17.54
N GLU B 110 -42.61 14.84 17.08
CA GLU B 110 -43.41 13.85 17.82
C GLU B 110 -43.21 12.46 17.28
N GLY B 111 -42.23 12.29 16.39
CA GLY B 111 -41.94 10.99 15.81
C GLY B 111 -42.75 10.64 14.57
N THR B 112 -44.05 10.95 14.60
CA THR B 112 -44.90 10.85 13.44
C THR B 112 -45.69 12.16 13.28
N GLY B 113 -46.30 12.37 12.12
CA GLY B 113 -47.21 13.50 11.99
C GLY B 113 -46.50 14.71 11.43
N ARG B 114 -46.49 15.79 12.22
CA ARG B 114 -46.05 17.11 11.70
C ARG B 114 -44.57 17.13 11.40
N VAL B 115 -44.23 17.55 10.17
CA VAL B 115 -42.85 17.71 9.73
C VAL B 115 -42.33 19.09 10.07
N ASN B 116 -41.12 19.13 10.62
CA ASN B 116 -40.47 20.36 11.05
C ASN B 116 -39.60 20.92 9.92
N GLN B 117 -40.07 22.00 9.30
CA GLN B 117 -39.43 22.54 8.11
C GLN B 117 -37.97 22.90 8.35
N LYS B 118 -37.70 23.47 9.53
CA LYS B 118 -36.34 23.89 9.90
C LYS B 118 -35.41 22.70 10.02
N GLY B 119 -35.96 21.55 10.41
CA GLY B 119 -35.20 20.31 10.42
C GLY B 119 -34.77 19.93 9.01
N LEU B 120 -35.72 19.97 8.07
CA LEU B 120 -35.40 19.68 6.68
C LEU B 120 -34.37 20.66 6.15
N ASP B 121 -34.53 21.95 6.48
CA ASP B 121 -33.62 23.01 6.00
C ASP B 121 -32.20 22.71 6.40
N PHE B 122 -32.02 22.32 7.67
CA PHE B 122 -30.69 22.06 8.22
C PHE B 122 -29.94 21.00 7.40
N TYR B 123 -30.58 19.87 7.13
CA TYR B 123 -29.97 18.84 6.33
C TYR B 123 -29.93 19.17 4.84
N ASN B 124 -30.90 19.93 4.34
CA ASN B 124 -30.83 20.35 2.93
C ASN B 124 -29.57 21.14 2.65
N ARG B 125 -29.22 22.03 3.57
CA ARG B 125 -28.03 22.90 3.40
C ARG B 125 -26.76 22.06 3.36
N ILE B 126 -26.67 21.08 4.27
CA ILE B 126 -25.55 20.14 4.31
C ILE B 126 -25.45 19.37 2.99
N ILE B 127 -26.58 18.81 2.55
CA ILE B 127 -26.64 18.03 1.31
C ILE B 127 -26.21 18.87 0.11
N ASP B 128 -26.79 20.07 -0.02
CA ASP B 128 -26.44 20.96 -1.17
C ASP B 128 -24.97 21.33 -1.17
N THR B 129 -24.45 21.62 0.02
CA THR B 129 -23.04 21.99 0.18
C THR B 129 -22.11 20.83 -0.17
N LEU B 130 -22.44 19.62 0.29
CA LEU B 130 -21.65 18.46 -0.05
C LEU B 130 -21.56 18.29 -1.56
N LEU B 131 -22.72 18.31 -2.23
CA LEU B 131 -22.76 18.09 -3.68
CA LEU B 131 -22.76 18.10 -3.68
C LEU B 131 -22.02 19.19 -4.45
N GLU B 132 -22.19 20.43 -4.02
CA GLU B 132 -21.51 21.57 -4.65
C GLU B 132 -20.00 21.37 -4.58
N LYS B 133 -19.53 20.72 -3.53
CA LYS B 133 -18.11 20.47 -3.33
C LYS B 133 -17.63 19.09 -3.83
N GLY B 134 -18.54 18.33 -4.46
CA GLY B 134 -18.21 17.04 -5.06
C GLY B 134 -17.96 15.90 -4.07
N ILE B 135 -18.58 16.02 -2.90
CA ILE B 135 -18.50 15.00 -1.86
C ILE B 135 -19.84 14.23 -1.89
N THR B 136 -19.75 12.91 -1.85
CA THR B 136 -20.90 12.03 -1.98
C THR B 136 -21.54 11.81 -0.59
N PRO B 137 -22.80 12.24 -0.40
CA PRO B 137 -23.47 11.94 0.90
C PRO B 137 -23.88 10.46 1.07
N PHE B 138 -23.59 9.88 2.23
CA PHE B 138 -24.17 8.57 2.56
C PHE B 138 -24.97 8.86 3.82
N VAL B 139 -26.29 8.73 3.75
CA VAL B 139 -27.11 9.17 4.87
C VAL B 139 -27.57 7.97 5.70
N THR B 140 -27.25 8.00 6.99
CA THR B 140 -27.76 7.01 7.98
C THR B 140 -29.10 7.54 8.51
N ILE B 141 -30.19 6.81 8.25
CA ILE B 141 -31.52 7.26 8.64
C ILE B 141 -31.66 7.23 10.15
N TYR B 142 -31.10 6.20 10.77
CA TYR B 142 -31.20 6.04 12.23
C TYR B 142 -29.88 5.67 12.86
N HIS B 143 -29.33 6.60 13.63
CA HIS B 143 -28.10 6.35 14.38
C HIS B 143 -28.37 6.68 15.87
N TRP B 144 -29.46 6.07 16.38
CA TRP B 144 -29.75 5.87 17.83
C TRP B 144 -30.55 6.94 18.54
N ASP B 145 -30.76 8.07 17.89
CA ASP B 145 -31.47 9.18 18.54
C ASP B 145 -32.96 9.15 18.24
N LEU B 146 -33.62 8.11 18.73
CA LEU B 146 -35.07 7.93 18.59
C LEU B 146 -35.81 9.10 19.22
N PRO B 147 -36.88 9.57 18.59
CA PRO B 147 -37.72 10.59 19.22
C PRO B 147 -38.22 10.09 20.58
N PHE B 148 -38.07 10.92 21.61
CA PHE B 148 -38.55 10.52 22.96
C PHE B 148 -40.05 10.24 22.92
N ALA B 149 -40.81 10.98 22.11
CA ALA B 149 -42.27 10.75 21.96
C ALA B 149 -42.55 9.30 21.58
N LEU B 150 -41.67 8.71 20.77
CA LEU B 150 -41.88 7.34 20.37
C LEU B 150 -41.47 6.36 21.46
N GLN B 151 -40.44 6.67 22.24
CA GLN B 151 -40.07 5.82 23.39
C GLN B 151 -41.20 5.72 24.42
N LEU B 152 -41.95 6.82 24.56
CA LEU B 152 -43.14 6.81 25.42
C LEU B 152 -44.19 5.82 24.97
N LYS B 153 -44.16 5.51 23.66
CA LYS B 153 -45.05 4.50 23.07
C LYS B 153 -44.32 3.16 22.87
N GLY B 154 -43.19 2.96 23.56
CA GLY B 154 -42.53 1.65 23.55
C GLY B 154 -41.30 1.57 22.67
N GLY B 155 -41.11 2.59 21.85
CA GLY B 155 -39.97 2.66 20.96
C GLY B 155 -39.81 1.36 20.15
N TRP B 156 -38.61 0.81 20.14
CA TRP B 156 -38.30 -0.40 19.35
C TRP B 156 -39.01 -1.66 19.83
N ALA B 157 -39.58 -1.61 21.03
CA ALA B 157 -40.41 -2.72 21.51
C ALA B 157 -41.79 -2.82 20.86
N ASN B 158 -42.26 -1.72 20.27
CA ASN B 158 -43.63 -1.65 19.73
C ASN B 158 -43.63 -2.10 18.26
N ARG B 159 -44.40 -3.11 17.92
CA ARG B 159 -44.52 -3.54 16.49
C ARG B 159 -44.78 -2.37 15.55
N GLU B 160 -45.53 -1.37 16.01
CA GLU B 160 -45.86 -0.22 15.17
C GLU B 160 -44.68 0.63 14.73
N ILE B 161 -43.50 0.42 15.33
CA ILE B 161 -42.33 1.18 14.90
C ILE B 161 -41.97 0.87 13.44
N ALA B 162 -42.37 -0.29 12.91
CA ALA B 162 -42.14 -0.53 11.46
C ALA B 162 -42.89 0.53 10.65
N ASP B 163 -44.10 0.87 11.11
CA ASP B 163 -44.94 1.88 10.48
C ASP B 163 -44.33 3.27 10.71
N TRP B 164 -43.97 3.60 11.96
CA TRP B 164 -43.40 4.91 12.27
C TRP B 164 -42.14 5.12 11.45
N PHE B 165 -41.33 4.07 11.37
CA PHE B 165 -39.99 4.21 10.75
C PHE B 165 -40.16 4.34 9.23
N ALA B 166 -41.14 3.66 8.67
CA ALA B 166 -41.40 3.76 7.21
C ALA B 166 -41.90 5.17 6.86
N GLU B 167 -42.72 5.76 7.74
CA GLU B 167 -43.23 7.10 7.52
C GLU B 167 -42.08 8.13 7.60
N TYR B 168 -41.21 7.95 8.58
CA TYR B 168 -40.08 8.85 8.71
C TYR B 168 -39.16 8.73 7.49
N SER B 169 -38.84 7.50 7.12
CA SER B 169 -37.99 7.24 5.95
C SER B 169 -38.60 7.86 4.71
N ARG B 170 -39.92 7.70 4.53
CA ARG B 170 -40.59 8.35 3.38
C ARG B 170 -40.36 9.87 3.33
N VAL B 171 -40.46 10.55 4.47
CA VAL B 171 -40.21 11.99 4.51
C VAL B 171 -38.79 12.28 4.02
N LEU B 172 -37.83 11.51 4.51
CA LEU B 172 -36.42 11.69 4.09
C LEU B 172 -36.26 11.44 2.58
N PHE B 173 -36.84 10.36 2.10
CA PHE B 173 -36.69 9.99 0.68
C PHE B 173 -37.35 11.03 -0.22
N GLU B 174 -38.56 11.43 0.13
CA GLU B 174 -39.28 12.45 -0.65
C GLU B 174 -38.53 13.77 -0.71
N ASN B 175 -37.95 14.19 0.42
CA ASN B 175 -37.28 15.48 0.50
C ASN B 175 -35.82 15.46 0.04
N PHE B 176 -35.12 14.36 0.26
CA PHE B 176 -33.67 14.37 0.04
C PHE B 176 -33.22 13.43 -1.07
N GLY B 177 -34.09 12.50 -1.48
CA GLY B 177 -33.69 11.43 -2.41
C GLY B 177 -33.41 11.85 -3.85
N ASP B 178 -33.81 13.07 -4.20
CA ASP B 178 -33.47 13.65 -5.51
C ASP B 178 -31.95 13.87 -5.63
N ARG B 179 -31.32 14.09 -4.48
CA ARG B 179 -29.90 14.47 -4.40
C ARG B 179 -29.07 13.41 -3.70
N VAL B 180 -29.63 12.79 -2.66
CA VAL B 180 -28.93 11.71 -1.93
C VAL B 180 -29.31 10.34 -2.50
N LYS B 181 -28.31 9.60 -2.95
CA LYS B 181 -28.55 8.32 -3.61
C LYS B 181 -27.99 7.13 -2.87
N ASN B 182 -27.35 7.37 -1.74
CA ASN B 182 -26.80 6.27 -0.95
C ASN B 182 -27.32 6.35 0.48
N TRP B 183 -28.03 5.31 0.90
CA TRP B 183 -28.77 5.37 2.16
C TRP B 183 -28.52 4.16 3.02
N ILE B 184 -28.59 4.38 4.34
CA ILE B 184 -28.44 3.29 5.30
C ILE B 184 -29.64 3.38 6.23
N THR B 185 -30.35 2.27 6.40
CA THR B 185 -31.55 2.31 7.26
C THR B 185 -31.16 2.45 8.72
N LEU B 186 -30.37 1.51 9.22
CA LEU B 186 -30.06 1.44 10.64
C LEU B 186 -28.55 1.31 10.83
N ASN B 187 -28.05 2.02 11.84
CA ASN B 187 -26.72 1.80 12.35
C ASN B 187 -26.75 0.80 13.51
N GLU B 188 -26.17 -0.39 13.28
CA GLU B 188 -25.90 -1.37 14.34
C GLU B 188 -27.14 -1.77 15.20
N PRO B 189 -28.11 -2.42 14.56
CA PRO B 189 -29.30 -2.83 15.32
C PRO B 189 -28.99 -3.72 16.54
N TRP B 190 -27.91 -4.49 16.49
CA TRP B 190 -27.53 -5.32 17.66
C TRP B 190 -27.30 -4.42 18.87
N VAL B 191 -26.58 -3.32 18.66
CA VAL B 191 -26.37 -2.33 19.72
C VAL B 191 -27.69 -1.71 20.22
N VAL B 192 -28.51 -1.26 19.27
CA VAL B 192 -29.76 -0.58 19.59
C VAL B 192 -30.57 -1.53 20.48
N ALA B 193 -30.62 -2.79 20.08
CA ALA B 193 -31.48 -3.76 20.81
C ALA B 193 -30.86 -4.21 22.12
N ILE B 194 -29.66 -4.78 22.03
CA ILE B 194 -29.06 -5.45 23.16
C ILE B 194 -28.43 -4.47 24.13
N VAL B 195 -27.61 -3.55 23.65
CA VAL B 195 -27.01 -2.57 24.59
C VAL B 195 -28.06 -1.62 25.18
N GLY B 196 -29.06 -1.28 24.38
CA GLY B 196 -30.14 -0.37 24.82
C GLY B 196 -31.22 -1.02 25.67
N HIS B 197 -31.47 -2.31 25.47
CA HIS B 197 -32.63 -2.94 26.11
C HIS B 197 -32.32 -4.19 26.92
N LEU B 198 -31.11 -4.75 26.80
CA LEU B 198 -30.72 -5.86 27.68
C LEU B 198 -29.70 -5.42 28.70
N TYR B 199 -28.64 -4.76 28.24
CA TYR B 199 -27.61 -4.31 29.17
C TYR B 199 -27.96 -2.99 29.84
N GLY B 200 -28.83 -2.21 29.20
CA GLY B 200 -29.26 -0.88 29.72
C GLY B 200 -28.16 0.18 29.74
N VAL B 201 -27.10 -0.04 28.96
CA VAL B 201 -25.92 0.84 28.93
C VAL B 201 -26.11 2.03 27.98
N HIS B 202 -26.98 1.84 26.98
CA HIS B 202 -27.38 2.90 26.07
C HIS B 202 -28.87 3.18 26.24
N ALA B 203 -29.29 4.34 25.75
CA ALA B 203 -30.70 4.69 25.70
C ALA B 203 -31.50 3.56 24.98
N PRO B 204 -32.72 3.24 25.48
CA PRO B 204 -33.46 3.85 26.58
C PRO B 204 -33.13 3.30 27.98
N GLY B 205 -32.06 2.53 28.13
CA GLY B 205 -31.58 2.12 29.44
C GLY B 205 -32.36 1.02 30.12
N MET B 206 -32.78 0.03 29.33
CA MET B 206 -33.58 -1.11 29.83
C MET B 206 -32.79 -2.40 29.99
N ARG B 207 -33.23 -3.27 30.90
CA ARG B 207 -32.67 -4.62 31.05
C ARG B 207 -33.81 -5.65 31.04
N ASP B 208 -34.29 -6.01 29.86
CA ASP B 208 -35.32 -7.04 29.75
C ASP B 208 -35.06 -7.81 28.47
N ILE B 209 -34.78 -9.10 28.58
CA ILE B 209 -34.33 -9.89 27.43
C ILE B 209 -35.46 -10.12 26.42
N TYR B 210 -36.69 -10.12 26.90
CA TYR B 210 -37.86 -10.29 26.01
C TYR B 210 -38.06 -9.01 25.19
N VAL B 211 -37.92 -7.84 25.84
CA VAL B 211 -37.96 -6.59 25.09
C VAL B 211 -36.81 -6.54 24.08
N ALA B 212 -35.62 -6.96 24.53
CA ALA B 212 -34.41 -6.82 23.69
C ALA B 212 -34.59 -7.60 22.39
N PHE B 213 -35.14 -8.82 22.47
CA PHE B 213 -35.34 -9.62 21.24
C PHE B 213 -36.53 -9.15 20.37
N ARG B 214 -37.55 -8.58 21.00
CA ARG B 214 -38.56 -7.89 20.22
C ARG B 214 -38.00 -6.70 19.49
N ALA B 215 -37.07 -5.98 20.11
CA ALA B 215 -36.39 -4.88 19.44
C ALA B 215 -35.58 -5.40 18.26
N VAL B 216 -34.83 -6.50 18.43
CA VAL B 216 -34.13 -7.11 17.26
C VAL B 216 -35.11 -7.32 16.12
N HIS B 217 -36.24 -7.93 16.43
CA HIS B 217 -37.19 -8.31 15.39
C HIS B 217 -37.85 -7.08 14.75
N ASN B 218 -38.23 -6.09 15.57
CA ASN B 218 -38.83 -4.88 15.03
C ASN B 218 -37.86 -4.01 14.24
N LEU B 219 -36.57 -4.04 14.61
CA LEU B 219 -35.53 -3.35 13.83
C LEU B 219 -35.50 -3.96 12.41
N LEU B 220 -35.53 -5.29 12.33
CA LEU B 220 -35.53 -5.91 10.99
C LEU B 220 -36.80 -5.55 10.23
N ARG B 221 -37.94 -5.58 10.90
CA ARG B 221 -39.17 -5.24 10.20
C ARG B 221 -39.19 -3.80 9.69
N ALA B 222 -38.67 -2.88 10.53
CA ALA B 222 -38.63 -1.45 10.22
C ALA B 222 -37.70 -1.24 9.04
N HIS B 223 -36.51 -1.84 9.12
CA HIS B 223 -35.56 -1.79 8.01
C HIS B 223 -36.20 -2.25 6.68
N ALA B 224 -36.83 -3.42 6.69
CA ALA B 224 -37.41 -3.97 5.46
C ALA B 224 -38.50 -3.07 4.89
N ARG B 225 -39.35 -2.54 5.77
CA ARG B 225 -40.40 -1.65 5.28
C ARG B 225 -39.86 -0.36 4.70
N ALA B 226 -38.78 0.16 5.30
CA ALA B 226 -38.15 1.34 4.76
C ALA B 226 -37.59 1.09 3.37
N VAL B 227 -37.05 -0.10 3.15
CA VAL B 227 -36.55 -0.49 1.83
C VAL B 227 -37.69 -0.59 0.86
N LYS B 228 -38.83 -1.16 1.22
CA LYS B 228 -39.98 -1.13 0.31
CA LYS B 228 -40.00 -1.12 0.33
C LYS B 228 -40.37 0.29 -0.07
N VAL B 229 -40.40 1.22 0.89
CA VAL B 229 -40.75 2.59 0.60
C VAL B 229 -39.72 3.23 -0.33
N PHE B 230 -38.45 3.00 -0.02
CA PHE B 230 -37.32 3.47 -0.87
C PHE B 230 -37.51 3.10 -2.37
N ARG B 231 -37.80 1.84 -2.64
CA ARG B 231 -37.99 1.38 -4.01
C ARG B 231 -39.03 2.21 -4.77
N GLU B 232 -40.03 2.75 -4.06
CA GLU B 232 -41.11 3.50 -4.68
C GLU B 232 -40.86 5.01 -4.70
N THR B 233 -39.80 5.46 -4.03
CA THR B 233 -39.62 6.91 -3.81
C THR B 233 -38.30 7.50 -4.31
N VAL B 234 -37.27 6.66 -4.42
CA VAL B 234 -35.94 7.19 -4.84
C VAL B 234 -35.49 6.55 -6.13
N LYS B 235 -35.26 7.37 -7.15
CA LYS B 235 -34.79 6.85 -8.44
C LYS B 235 -33.30 6.62 -8.43
N ASP B 236 -32.92 5.42 -8.85
CA ASP B 236 -31.52 5.04 -9.04
C ASP B 236 -30.77 5.23 -7.75
N GLY B 237 -31.43 4.89 -6.65
CA GLY B 237 -30.80 4.89 -5.34
C GLY B 237 -30.35 3.53 -4.88
N LYS B 238 -29.44 3.52 -3.91
CA LYS B 238 -28.89 2.34 -3.33
C LYS B 238 -29.14 2.44 -1.82
N ILE B 239 -29.64 1.35 -1.25
CA ILE B 239 -29.91 1.31 0.21
C ILE B 239 -29.32 0.05 0.85
N GLY B 240 -28.81 0.21 2.05
CA GLY B 240 -28.28 -0.93 2.77
C GLY B 240 -28.49 -0.72 4.27
N ILE B 241 -27.67 -1.42 5.06
CA ILE B 241 -27.82 -1.47 6.52
C ILE B 241 -26.45 -1.78 7.12
N VAL B 242 -26.20 -1.33 8.34
CA VAL B 242 -24.86 -1.31 8.95
C VAL B 242 -24.82 -2.18 10.21
N PHE B 243 -23.82 -3.06 10.32
CA PHE B 243 -23.68 -3.93 11.50
C PHE B 243 -22.38 -3.73 12.23
N ASN B 244 -22.43 -3.80 13.56
CA ASN B 244 -21.21 -3.96 14.34
C ASN B 244 -20.66 -5.38 14.22
N ASN B 245 -19.33 -5.49 14.35
CA ASN B 245 -18.66 -6.78 14.24
C ASN B 245 -17.39 -6.75 15.05
N GLY B 246 -17.16 -7.86 15.72
CA GLY B 246 -15.89 -8.08 16.44
C GLY B 246 -15.26 -9.31 15.85
N TYR B 247 -13.95 -9.41 15.91
CA TYR B 247 -13.27 -10.63 15.48
C TYR B 247 -13.05 -11.52 16.69
N PHE B 248 -13.78 -12.62 16.76
CA PHE B 248 -13.72 -13.53 17.92
C PHE B 248 -12.80 -14.70 17.64
N GLU B 249 -11.93 -14.99 18.62
CA GLU B 249 -10.95 -16.09 18.52
C GLU B 249 -11.11 -16.94 19.76
N PRO B 250 -10.94 -18.27 19.61
CA PRO B 250 -11.06 -19.18 20.74
C PRO B 250 -9.85 -19.16 21.68
N ALA B 251 -10.11 -19.20 22.99
CA ALA B 251 -9.08 -19.15 24.03
C ALA B 251 -8.20 -20.39 24.01
N SER B 252 -8.78 -21.51 23.57
CA SER B 252 -8.07 -22.76 23.45
C SER B 252 -8.67 -23.52 22.29
N GLU B 253 -8.15 -24.71 22.06
CA GLU B 253 -8.68 -25.61 21.04
C GLU B 253 -9.77 -26.55 21.58
N LYS B 254 -10.18 -26.39 22.85
CA LYS B 254 -11.33 -27.13 23.39
CA LYS B 254 -11.30 -27.19 23.34
C LYS B 254 -12.52 -26.89 22.47
N GLU B 255 -13.26 -27.94 22.15
CA GLU B 255 -14.41 -27.81 21.25
C GLU B 255 -15.41 -26.77 21.72
N GLU B 256 -15.66 -26.71 23.02
CA GLU B 256 -16.60 -25.74 23.57
C GLU B 256 -16.16 -24.29 23.38
N ASP B 257 -14.84 -24.05 23.34
CA ASP B 257 -14.34 -22.71 23.11
C ASP B 257 -14.54 -22.33 21.65
N ILE B 258 -14.27 -23.28 20.76
CA ILE B 258 -14.48 -23.06 19.34
C ILE B 258 -15.98 -22.83 19.06
N ARG B 259 -16.85 -23.58 19.72
CA ARG B 259 -18.29 -23.39 19.53
C ARG B 259 -18.75 -22.04 20.13
N ALA B 260 -18.08 -21.61 21.19
CA ALA B 260 -18.38 -20.31 21.81
C ALA B 260 -18.11 -19.16 20.85
N VAL B 261 -17.04 -19.28 20.07
CA VAL B 261 -16.71 -18.33 19.03
C VAL B 261 -17.83 -18.33 17.98
N ARG B 262 -18.27 -19.51 17.56
CA ARG B 262 -19.35 -19.54 16.55
C ARG B 262 -20.63 -18.85 17.07
N PHE B 263 -20.97 -19.06 18.34
CA PHE B 263 -22.11 -18.36 18.95
C PHE B 263 -21.94 -16.85 18.92
N MET B 264 -20.78 -16.39 19.40
CA MET B 264 -20.49 -14.95 19.38
C MET B 264 -20.59 -14.30 18.01
N HIS B 265 -20.05 -14.96 16.98
CA HIS B 265 -20.17 -14.43 15.63
C HIS B 265 -21.63 -14.39 15.19
N GLN B 266 -22.40 -15.46 15.45
CA GLN B 266 -23.79 -15.50 15.00
C GLN B 266 -24.66 -14.46 15.76
N PHE B 267 -24.37 -14.26 17.04
CA PHE B 267 -25.15 -13.31 17.86
C PHE B 267 -24.70 -11.85 17.75
N ASN B 268 -23.40 -11.60 17.94
CA ASN B 268 -22.87 -10.22 17.99
C ASN B 268 -22.61 -9.58 16.65
N ASN B 269 -22.35 -10.40 15.63
CA ASN B 269 -21.94 -9.89 14.30
C ASN B 269 -23.08 -9.93 13.29
N TYR B 270 -22.78 -9.62 12.03
CA TYR B 270 -23.85 -9.48 11.02
C TYR B 270 -24.85 -10.68 10.87
N PRO B 271 -24.46 -11.95 11.18
CA PRO B 271 -25.42 -13.05 10.91
C PRO B 271 -26.74 -12.91 11.63
N LEU B 272 -26.76 -12.25 12.79
CA LEU B 272 -28.05 -12.10 13.50
C LEU B 272 -29.10 -11.45 12.61
N PHE B 273 -28.66 -10.55 11.72
CA PHE B 273 -29.54 -9.76 10.84
C PHE B 273 -29.52 -10.23 9.39
N LEU B 274 -28.36 -10.71 8.95
CA LEU B 274 -28.27 -11.17 7.57
C LEU B 274 -28.78 -12.59 7.39
N ASN B 275 -28.76 -13.42 8.43
CA ASN B 275 -29.45 -14.71 8.28
C ASN B 275 -30.96 -14.48 7.98
N PRO B 276 -31.64 -13.62 8.76
CA PRO B 276 -33.00 -13.23 8.35
C PRO B 276 -33.11 -12.62 6.92
N ILE B 277 -32.29 -11.63 6.64
CA ILE B 277 -32.40 -10.89 5.35
C ILE B 277 -32.15 -11.84 4.17
N TYR B 278 -31.11 -12.66 4.27
CA TYR B 278 -30.72 -13.54 3.16
C TYR B 278 -31.31 -14.93 3.15
N ARG B 279 -31.61 -15.48 4.33
CA ARG B 279 -32.07 -16.86 4.41
C ARG B 279 -33.47 -17.02 5.00
N GLY B 280 -34.03 -15.96 5.59
CA GLY B 280 -35.40 -16.03 6.13
C GLY B 280 -35.55 -16.63 7.52
N ASP B 281 -34.48 -16.69 8.30
CA ASP B 281 -34.61 -17.08 9.71
C ASP B 281 -33.40 -16.59 10.50
N TYR B 282 -33.52 -16.57 11.82
CA TYR B 282 -32.37 -16.23 12.64
C TYR B 282 -31.34 -17.37 12.57
N PRO B 283 -30.06 -17.06 12.88
CA PRO B 283 -29.05 -18.13 12.92
C PRO B 283 -29.43 -19.19 13.96
N GLU B 284 -29.08 -20.44 13.67
CA GLU B 284 -29.50 -21.53 14.56
C GLU B 284 -28.99 -21.43 15.99
N LEU B 285 -27.75 -21.00 16.21
CA LEU B 285 -27.24 -20.90 17.57
C LEU B 285 -27.98 -19.81 18.33
N VAL B 286 -28.41 -18.79 17.60
CA VAL B 286 -29.24 -17.72 18.21
C VAL B 286 -30.61 -18.26 18.59
N LEU B 287 -31.25 -19.02 17.70
CA LEU B 287 -32.55 -19.64 18.03
C LEU B 287 -32.46 -20.59 19.22
N GLU B 288 -31.36 -21.33 19.31
CA GLU B 288 -31.14 -22.25 20.44
CA GLU B 288 -31.14 -22.24 20.44
C GLU B 288 -31.17 -21.46 21.74
N PHE B 289 -30.55 -20.28 21.72
CA PHE B 289 -30.43 -19.46 22.93
C PHE B 289 -31.72 -18.65 23.19
N ALA B 290 -32.29 -18.10 22.12
CA ALA B 290 -33.26 -17.02 22.25
C ALA B 290 -34.66 -17.25 21.68
N ARG B 291 -34.97 -18.44 21.18
CA ARG B 291 -36.31 -18.63 20.62
C ARG B 291 -37.43 -18.24 21.61
N GLU B 292 -37.22 -18.54 22.90
CA GLU B 292 -38.26 -18.24 23.88
C GLU B 292 -38.49 -16.74 24.09
N TYR B 293 -37.50 -15.93 23.70
CA TYR B 293 -37.57 -14.46 23.86
C TYR B 293 -38.11 -13.74 22.64
N LEU B 294 -38.18 -14.43 21.50
CA LEU B 294 -38.77 -13.82 20.31
C LEU B 294 -40.29 -13.95 20.32
N PRO B 295 -41.00 -13.09 19.56
CA PRO B 295 -42.46 -13.26 19.37
C PRO B 295 -42.76 -14.69 18.87
N GLU B 296 -43.83 -15.33 19.36
CA GLU B 296 -44.11 -16.76 19.07
CA GLU B 296 -44.08 -16.76 19.07
C GLU B 296 -44.17 -17.04 17.56
N ASN B 297 -44.80 -16.10 16.87
CA ASN B 297 -45.03 -16.11 15.42
C ASN B 297 -44.03 -15.29 14.65
N TYR B 298 -42.81 -15.13 15.17
CA TYR B 298 -41.86 -14.23 14.52
C TYR B 298 -41.60 -14.62 13.05
N LYS B 299 -41.64 -15.93 12.74
CA LYS B 299 -41.15 -16.39 11.43
C LYS B 299 -42.13 -15.94 10.34
N ASP B 300 -43.35 -15.66 10.77
CA ASP B 300 -44.39 -15.12 9.86
C ASP B 300 -43.99 -13.81 9.18
N ASP B 301 -43.03 -13.09 9.76
CA ASP B 301 -42.58 -11.81 9.25
C ASP B 301 -41.36 -11.91 8.35
N MET B 302 -40.78 -13.10 8.27
CA MET B 302 -39.50 -13.29 7.57
C MET B 302 -39.59 -13.05 6.08
N SER B 303 -40.75 -13.36 5.48
CA SER B 303 -40.87 -13.11 4.05
C SER B 303 -40.71 -11.62 3.76
N GLU B 304 -41.29 -10.74 4.59
CA GLU B 304 -41.11 -9.30 4.42
C GLU B 304 -39.67 -8.87 4.68
N ILE B 305 -39.07 -9.48 5.71
CA ILE B 305 -37.71 -9.12 6.12
C ILE B 305 -36.67 -9.36 5.03
N GLN B 306 -36.98 -10.31 4.14
CA GLN B 306 -36.07 -10.65 3.05
C GLN B 306 -36.02 -9.65 1.89
N GLU B 307 -36.69 -8.52 2.06
CA GLU B 307 -36.65 -7.43 1.09
C GLU B 307 -35.21 -7.20 0.60
N LYS B 308 -35.04 -7.22 -0.72
CA LYS B 308 -33.66 -7.11 -1.29
C LYS B 308 -32.95 -5.79 -0.95
N ILE B 309 -31.70 -5.92 -0.48
CA ILE B 309 -30.88 -4.74 -0.20
C ILE B 309 -29.74 -4.63 -1.24
N ASP B 310 -29.18 -3.44 -1.35
CA ASP B 310 -28.12 -3.17 -2.36
C ASP B 310 -26.70 -3.37 -1.82
N PHE B 311 -26.52 -3.11 -0.52
CA PHE B 311 -25.19 -3.31 0.06
C PHE B 311 -25.29 -3.61 1.55
N VAL B 312 -24.19 -4.16 2.07
CA VAL B 312 -24.01 -4.36 3.51
C VAL B 312 -22.90 -3.45 4.00
N GLY B 313 -23.17 -2.73 5.08
CA GLY B 313 -22.12 -1.93 5.73
C GLY B 313 -21.61 -2.64 6.95
N LEU B 314 -20.29 -2.79 7.05
CA LEU B 314 -19.70 -3.42 8.22
C LEU B 314 -18.87 -2.41 8.98
N ASN B 315 -19.14 -2.31 10.28
CA ASN B 315 -18.30 -1.55 11.19
C ASN B 315 -17.36 -2.52 11.88
N TYR B 316 -16.11 -2.10 12.09
CA TYR B 316 -15.15 -2.99 12.73
C TYR B 316 -14.15 -2.17 13.54
N TYR B 317 -13.89 -2.61 14.76
CA TYR B 317 -12.93 -1.91 15.62
C TYR B 317 -11.93 -2.83 16.33
N SER B 318 -12.37 -4.02 16.74
CA SER B 318 -11.58 -4.80 17.70
CA SER B 318 -11.59 -4.79 17.70
C SER B 318 -11.79 -6.30 17.64
N GLY B 319 -10.85 -7.03 18.23
CA GLY B 319 -10.91 -8.48 18.37
C GLY B 319 -11.04 -8.87 19.83
N HIS B 320 -11.54 -10.09 20.06
CA HIS B 320 -11.79 -10.63 21.41
C HIS B 320 -11.45 -12.11 21.46
N LEU B 321 -10.85 -12.51 22.57
CA LEU B 321 -10.61 -13.92 22.87
C LEU B 321 -11.74 -14.42 23.76
N VAL B 322 -12.38 -15.52 23.37
CA VAL B 322 -13.51 -15.99 24.16
C VAL B 322 -13.36 -17.46 24.55
N LYS B 323 -14.07 -17.85 25.60
CA LYS B 323 -14.12 -19.23 26.04
C LYS B 323 -15.51 -19.58 26.51
N PHE B 324 -15.81 -20.87 26.52
CA PHE B 324 -17.05 -21.37 27.11
C PHE B 324 -16.89 -21.22 28.61
N ASP B 325 -17.98 -20.81 29.27
CA ASP B 325 -18.01 -20.61 30.72
C ASP B 325 -19.47 -20.76 31.17
N PRO B 326 -19.80 -21.84 31.90
CA PRO B 326 -21.20 -22.08 32.29
C PRO B 326 -21.74 -21.10 33.33
N ASP B 327 -20.86 -20.30 33.93
CA ASP B 327 -21.29 -19.28 34.90
C ASP B 327 -21.61 -17.93 34.26
N ALA B 328 -21.18 -17.73 33.02
CA ALA B 328 -21.36 -16.46 32.32
C ALA B 328 -22.66 -16.43 31.53
N ALA B 330 -24.67 -16.07 28.60
CA ALA B 330 -24.94 -16.93 27.45
C ALA B 330 -23.86 -18.02 27.29
N LYS B 331 -23.19 -18.32 28.40
CA LYS B 331 -22.20 -19.40 28.47
C LYS B 331 -20.87 -19.04 27.77
N VAL B 332 -20.61 -17.74 27.66
CA VAL B 332 -19.42 -17.22 27.00
C VAL B 332 -18.79 -16.11 27.84
N SER B 333 -17.51 -16.23 28.16
CA SER B 333 -16.81 -15.14 28.79
C SER B 333 -15.62 -14.71 27.95
N PHE B 334 -15.25 -13.44 28.10
CA PHE B 334 -14.12 -12.89 27.36
C PHE B 334 -12.86 -13.11 28.19
N VAL B 335 -11.73 -13.23 27.51
CA VAL B 335 -10.44 -13.41 28.19
CA VAL B 335 -10.42 -13.46 28.15
C VAL B 335 -9.44 -12.41 27.64
N GLU B 336 -8.94 -11.57 28.54
CA GLU B 336 -8.04 -10.48 28.16
C GLU B 336 -6.72 -11.01 27.64
N ARG B 337 -6.17 -10.33 26.64
CA ARG B 337 -4.88 -10.66 26.05
C ARG B 337 -3.88 -9.51 26.19
N ASP B 338 -2.61 -9.86 26.17
CA ASP B 338 -1.52 -8.90 26.22
C ASP B 338 -1.26 -8.42 24.80
N LEU B 339 -2.25 -7.72 24.25
CA LEU B 339 -2.12 -7.14 22.92
C LEU B 339 -2.23 -5.63 23.04
N PRO B 340 -1.68 -4.89 22.05
CA PRO B 340 -1.85 -3.44 22.14
C PRO B 340 -3.34 -3.04 22.11
N LYS B 341 -3.71 -2.06 22.94
CA LYS B 341 -5.12 -1.60 23.09
C LYS B 341 -5.27 -0.11 22.86
N THR B 342 -6.49 0.33 22.51
CA THR B 342 -6.77 1.76 22.35
C THR B 342 -7.17 2.34 23.71
N ALA B 343 -7.45 3.64 23.73
CA ALA B 343 -7.97 4.32 24.92
C ALA B 343 -9.28 3.71 25.44
N MET B 344 -10.00 2.96 24.59
CA MET B 344 -11.23 2.27 25.05
C MET B 344 -10.93 0.98 25.81
N GLY B 345 -9.68 0.54 25.77
CA GLY B 345 -9.33 -0.80 26.24
C GLY B 345 -9.50 -1.90 25.20
N TRP B 346 -9.76 -1.51 23.96
CA TRP B 346 -10.05 -2.46 22.88
C TRP B 346 -8.80 -2.97 22.19
N GLU B 347 -8.69 -4.29 22.08
CA GLU B 347 -7.54 -4.93 21.46
C GLU B 347 -7.47 -4.64 19.97
N ILE B 348 -6.27 -4.27 19.52
CA ILE B 348 -6.03 -3.93 18.12
C ILE B 348 -5.64 -5.21 17.36
N VAL B 349 -6.57 -5.69 16.55
CA VAL B 349 -6.39 -6.94 15.81
C VAL B 349 -6.78 -6.66 14.37
N PRO B 350 -5.85 -6.10 13.59
CA PRO B 350 -6.23 -5.64 12.24
C PRO B 350 -6.70 -6.74 11.32
N GLU B 351 -6.21 -7.96 11.48
CA GLU B 351 -6.61 -9.05 10.57
C GLU B 351 -8.11 -9.35 10.72
N GLY B 352 -8.72 -8.86 11.80
CA GLY B 352 -10.15 -9.06 12.01
C GLY B 352 -10.98 -8.39 10.93
N ILE B 353 -10.50 -7.28 10.37
CA ILE B 353 -11.27 -6.61 9.31
C ILE B 353 -11.22 -7.44 8.00
N TYR B 354 -10.08 -8.10 7.76
CA TYR B 354 -9.98 -9.06 6.67
C TYR B 354 -10.91 -10.23 6.89
N TRP B 355 -10.89 -10.78 8.09
CA TRP B 355 -11.65 -11.97 8.42
C TRP B 355 -13.15 -11.70 8.26
N ILE B 356 -13.62 -10.55 8.75
CA ILE B 356 -15.06 -10.28 8.70
C ILE B 356 -15.51 -10.03 7.28
N LEU B 357 -14.63 -9.48 6.45
CA LEU B 357 -14.94 -9.23 5.05
C LEU B 357 -14.98 -10.53 4.25
N LYS B 358 -13.96 -11.37 4.46
CA LYS B 358 -13.96 -12.70 3.85
C LYS B 358 -15.17 -13.53 4.27
N LYS B 359 -15.50 -13.45 5.57
CA LYS B 359 -16.62 -14.23 6.11
C LYS B 359 -17.97 -13.79 5.59
N VAL B 360 -18.19 -12.47 5.42
CA VAL B 360 -19.52 -12.01 4.97
C VAL B 360 -19.74 -12.49 3.54
N LYS B 361 -18.68 -12.45 2.73
CA LYS B 361 -18.76 -13.01 1.37
C LYS B 361 -19.05 -14.52 1.35
N GLU B 362 -18.31 -15.33 2.11
CA GLU B 362 -18.54 -16.78 2.23
C GLU B 362 -19.95 -17.09 2.69
N GLU B 363 -20.47 -16.32 3.65
CA GLU B 363 -21.76 -16.68 4.25
C GLU B 363 -22.99 -16.17 3.51
N TYR B 364 -22.96 -14.91 3.07
CA TYR B 364 -24.14 -14.27 2.49
C TYR B 364 -23.93 -13.69 1.09
N ASN B 365 -22.67 -13.61 0.65
CA ASN B 365 -22.34 -13.04 -0.65
C ASN B 365 -23.13 -11.77 -1.03
N PRO B 366 -23.09 -10.71 -0.17
CA PRO B 366 -23.82 -9.51 -0.57
C PRO B 366 -23.14 -8.92 -1.81
N PRO B 367 -23.93 -8.26 -2.66
CA PRO B 367 -23.38 -7.77 -3.94
C PRO B 367 -22.33 -6.68 -3.80
N GLU B 368 -22.47 -5.86 -2.76
CA GLU B 368 -21.52 -4.80 -2.43
C GLU B 368 -21.37 -4.73 -0.92
N VAL B 369 -20.15 -4.47 -0.47
CA VAL B 369 -19.87 -4.21 0.93
C VAL B 369 -19.16 -2.86 1.08
N TYR B 370 -19.42 -2.18 2.20
CA TYR B 370 -18.64 -1.00 2.60
C TYR B 370 -18.16 -1.25 4.01
N ILE B 371 -16.93 -0.81 4.32
CA ILE B 371 -16.56 -0.58 5.71
C ILE B 371 -17.13 0.80 6.07
N THR B 372 -18.24 0.81 6.83
CA THR B 372 -18.89 2.07 7.17
C THR B 372 -18.34 2.79 8.41
N GLU B 373 -17.52 2.10 9.20
CA GLU B 373 -16.75 2.71 10.30
C GLU B 373 -15.52 1.86 10.61
N ASN B 374 -14.38 2.51 10.80
CA ASN B 374 -13.18 1.88 11.39
C ASN B 374 -12.36 3.04 11.92
N GLY B 375 -11.82 2.86 13.12
CA GLY B 375 -11.03 3.92 13.75
C GLY B 375 -10.65 3.59 15.17
N ALA B 376 -10.11 4.59 15.88
CA ALA B 376 -9.55 4.33 17.20
C ALA B 376 -9.51 5.59 18.03
N ALA B 377 -9.75 5.39 19.33
CA ALA B 377 -9.60 6.43 20.35
C ALA B 377 -8.25 6.27 20.99
N PHE B 378 -7.52 7.38 21.03
CA PHE B 378 -6.26 7.45 21.75
C PHE B 378 -6.23 8.78 22.51
N ASP B 379 -5.34 8.87 23.49
CA ASP B 379 -5.20 10.06 24.34
C ASP B 379 -4.51 11.22 23.61
N ASP B 380 -5.22 11.84 22.68
CA ASP B 380 -4.67 12.92 21.86
C ASP B 380 -4.37 14.18 22.65
N VAL B 381 -3.26 14.82 22.30
CA VAL B 381 -2.83 16.05 22.96
C VAL B 381 -2.37 17.06 21.89
N VAL B 382 -2.61 18.34 22.12
CA VAL B 382 -2.08 19.35 21.20
C VAL B 382 -0.69 19.70 21.72
N SER B 383 0.32 19.51 20.87
CA SER B 383 1.71 19.83 21.19
C SER B 383 1.98 21.33 21.10
N GLU B 384 3.16 21.73 21.58
CA GLU B 384 3.60 23.12 21.53
C GLU B 384 3.55 23.71 20.12
N ASP B 385 3.75 22.87 19.11
CA ASP B 385 3.72 23.34 17.72
C ASP B 385 2.32 23.57 17.14
N GLY B 386 1.30 23.37 17.99
CA GLY B 386 -0.11 23.55 17.59
C GLY B 386 -0.68 22.34 16.87
N ARG B 387 0.12 21.28 16.79
CA ARG B 387 -0.24 20.09 16.00
C ARG B 387 -0.74 18.95 16.90
N VAL B 388 -1.43 17.99 16.30
CA VAL B 388 -1.84 16.79 17.04
C VAL B 388 -1.15 15.58 16.42
N HIS B 389 -0.11 15.10 17.09
CA HIS B 389 0.73 14.04 16.53
C HIS B 389 0.21 12.67 16.98
N ASP B 390 -0.70 12.11 16.18
CA ASP B 390 -1.30 10.83 16.55
C ASP B 390 -0.79 9.73 15.64
N GLN B 391 0.50 9.41 15.76
CA GLN B 391 1.08 8.30 14.98
C GLN B 391 0.39 6.97 15.30
N ASN B 392 -0.06 6.79 16.54
CA ASN B 392 -0.79 5.57 16.93
C ASN B 392 -2.05 5.35 16.08
N ARG B 393 -2.79 6.43 15.85
CA ARG B 393 -4.01 6.36 15.01
C ARG B 393 -3.64 6.09 13.54
N ILE B 394 -2.60 6.77 13.04
CA ILE B 394 -2.12 6.41 11.70
C ILE B 394 -1.78 4.91 11.62
N ASP B 395 -1.02 4.39 12.59
CA ASP B 395 -0.63 3.00 12.58
C ASP B 395 -1.86 2.08 12.56
N TYR B 396 -2.86 2.45 13.35
CA TYR B 396 -4.10 1.71 13.44
C TYR B 396 -4.76 1.69 12.07
N LEU B 397 -4.97 2.87 11.49
CA LEU B 397 -5.72 2.97 10.25
C LEU B 397 -4.97 2.31 9.08
N LYS B 398 -3.66 2.51 9.04
CA LYS B 398 -2.84 1.90 8.00
C LYS B 398 -2.98 0.38 7.97
N ALA B 399 -2.91 -0.24 9.15
CA ALA B 399 -2.94 -1.70 9.24
C ALA B 399 -4.32 -2.20 8.78
N HIS B 400 -5.38 -1.51 9.18
CA HIS B 400 -6.72 -2.00 8.86
C HIS B 400 -7.03 -1.80 7.40
N ILE B 401 -6.59 -0.68 6.85
CA ILE B 401 -6.82 -0.40 5.41
C ILE B 401 -6.07 -1.45 4.56
N GLY B 402 -4.85 -1.79 4.99
CA GLY B 402 -4.06 -2.86 4.33
C GLY B 402 -4.73 -4.21 4.33
N GLN B 403 -5.46 -4.49 5.41
CA GLN B 403 -6.22 -5.73 5.54
C GLN B 403 -7.47 -5.70 4.68
N ALA B 404 -8.15 -4.56 4.63
CA ALA B 404 -9.28 -4.41 3.70
C ALA B 404 -8.84 -4.62 2.25
N TRP B 405 -7.63 -4.16 1.94
CA TRP B 405 -7.07 -4.33 0.59
C TRP B 405 -6.90 -5.81 0.27
N LYS B 406 -6.35 -6.57 1.23
CA LYS B 406 -6.16 -8.02 1.06
C LYS B 406 -7.50 -8.68 0.71
N ALA B 407 -8.54 -8.28 1.43
CA ALA B 407 -9.86 -8.83 1.16
C ALA B 407 -10.30 -8.63 -0.27
N ILE B 408 -10.11 -7.42 -0.79
CA ILE B 408 -10.44 -7.08 -2.16
C ILE B 408 -9.65 -7.97 -3.13
N GLN B 409 -8.37 -8.19 -2.82
CA GLN B 409 -7.53 -9.03 -3.72
C GLN B 409 -8.04 -10.47 -3.75
N GLU B 410 -8.75 -10.87 -2.70
CA GLU B 410 -9.31 -12.20 -2.62
C GLU B 410 -10.82 -12.22 -2.98
N GLY B 411 -11.30 -11.13 -3.57
CA GLY B 411 -12.58 -11.09 -4.30
C GLY B 411 -13.78 -10.56 -3.54
N VAL B 412 -13.53 -9.91 -2.41
CA VAL B 412 -14.65 -9.32 -1.66
C VAL B 412 -15.01 -8.01 -2.35
N PRO B 413 -16.31 -7.83 -2.68
CA PRO B 413 -16.69 -6.62 -3.43
C PRO B 413 -16.80 -5.39 -2.51
N LEU B 414 -15.67 -5.02 -1.90
CA LEU B 414 -15.62 -3.83 -1.07
C LEU B 414 -15.54 -2.58 -1.93
N LYS B 415 -16.51 -1.69 -1.73
CA LYS B 415 -16.68 -0.54 -2.61
C LYS B 415 -16.21 0.75 -1.95
N GLY B 416 -15.97 0.70 -0.64
CA GLY B 416 -15.65 1.95 0.10
C GLY B 416 -15.26 1.72 1.57
N TYR B 417 -14.64 2.76 2.15
CA TYR B 417 -14.12 2.69 3.49
C TYR B 417 -14.29 4.07 4.12
N PHE B 418 -14.93 4.07 5.31
CA PHE B 418 -15.19 5.29 6.05
C PHE B 418 -14.47 5.25 7.38
N VAL B 419 -13.67 6.26 7.63
CA VAL B 419 -12.99 6.41 8.93
C VAL B 419 -14.02 6.95 9.93
N TRP B 420 -14.09 6.31 11.10
CA TRP B 420 -14.76 6.92 12.25
C TRP B 420 -13.67 7.60 13.11
N SER B 421 -13.69 8.93 13.28
CA SER B 421 -14.68 9.85 12.78
C SER B 421 -13.95 11.06 12.20
N LEU B 422 -14.68 11.90 11.49
CA LEU B 422 -14.13 13.19 11.07
C LEU B 422 -13.71 14.00 12.30
N LEU B 423 -14.53 13.98 13.35
CA LEU B 423 -14.34 14.87 14.50
C LEU B 423 -14.34 14.08 15.78
N ASP B 424 -13.51 14.50 16.74
CA ASP B 424 -13.72 14.10 18.12
C ASP B 424 -15.14 14.46 18.50
N ASN B 425 -15.80 13.62 19.29
CA ASN B 425 -17.24 13.82 19.51
C ASN B 425 -17.74 13.17 20.79
N PHE B 426 -19.05 13.22 21.00
CA PHE B 426 -19.67 12.61 22.19
C PHE B 426 -19.73 11.10 22.01
N GLU B 427 -18.89 10.39 22.75
CA GLU B 427 -18.79 8.95 22.62
C GLU B 427 -19.77 8.28 23.59
N TRP B 428 -21.04 8.59 23.37
CA TRP B 428 -22.13 7.89 24.07
C TRP B 428 -21.86 7.81 25.56
N ALA B 429 -21.84 6.61 26.14
CA ALA B 429 -21.80 6.48 27.62
C ALA B 429 -20.45 6.90 28.18
N GLU B 430 -19.46 6.99 27.31
CA GLU B 430 -18.14 7.50 27.69
C GLU B 430 -18.07 9.01 27.68
N GLY B 431 -19.06 9.67 27.09
CA GLY B 431 -19.06 11.13 26.96
C GLY B 431 -17.85 11.62 26.17
N TYR B 432 -17.34 12.82 26.54
CA TYR B 432 -16.26 13.44 25.72
C TYR B 432 -14.83 12.92 25.96
N SER B 433 -14.68 11.99 26.90
CA SER B 433 -13.38 11.42 27.32
C SER B 433 -12.66 10.65 26.23
N LYS B 434 -13.37 10.26 25.17
CA LYS B 434 -12.78 9.38 24.16
C LYS B 434 -12.81 10.01 22.78
N ARG B 435 -11.62 10.21 22.22
CA ARG B 435 -11.45 10.99 21.01
C ARG B 435 -11.12 10.12 19.80
N PHE B 436 -12.05 10.06 18.85
CA PHE B 436 -11.91 9.20 17.68
C PHE B 436 -11.61 10.00 16.41
N GLY B 437 -11.58 11.32 16.48
CA GLY B 437 -11.41 12.16 15.30
C GLY B 437 -10.07 12.02 14.57
N ILE B 438 -10.11 12.27 13.26
CA ILE B 438 -8.90 12.66 12.51
C ILE B 438 -8.77 14.18 12.53
N VAL B 439 -9.77 14.88 13.10
CA VAL B 439 -9.72 16.32 13.38
C VAL B 439 -10.03 16.45 14.85
N TYR B 440 -9.10 17.06 15.58
CA TYR B 440 -9.23 17.35 17.01
C TYR B 440 -10.21 18.50 17.22
N VAL B 441 -11.05 18.40 18.24
CA VAL B 441 -11.91 19.51 18.63
C VAL B 441 -11.58 19.98 20.06
N ASP B 442 -11.23 21.25 20.18
CA ASP B 442 -11.08 21.85 21.49
C ASP B 442 -12.47 22.29 21.92
N TYR B 443 -13.06 21.62 22.90
CA TYR B 443 -14.44 21.90 23.31
C TYR B 443 -14.65 23.27 23.97
N SER B 444 -13.58 23.90 24.45
CA SER B 444 -13.74 25.21 25.08
C SER B 444 -13.95 26.32 24.04
N THR B 445 -13.26 26.20 22.91
CA THR B 445 -13.33 27.22 21.86
C THR B 445 -14.05 26.74 20.61
N GLN B 446 -14.30 25.43 20.54
CA GLN B 446 -14.79 24.75 19.33
C GLN B 446 -13.81 24.78 18.17
N LYS B 447 -12.56 25.14 18.44
CA LYS B 447 -11.53 25.08 17.40
C LYS B 447 -11.31 23.65 16.85
N ARG B 448 -11.18 23.56 15.54
CA ARG B 448 -10.81 22.31 14.88
C ARG B 448 -9.33 22.33 14.52
N ILE B 449 -8.65 21.22 14.76
CA ILE B 449 -7.23 21.07 14.43
C ILE B 449 -7.07 19.71 13.77
N VAL B 450 -6.77 19.73 12.48
CA VAL B 450 -6.52 18.51 11.75
C VAL B 450 -5.36 17.76 12.38
N LYS B 451 -5.58 16.50 12.73
CA LYS B 451 -4.53 15.67 13.33
C LYS B 451 -3.60 15.18 12.23
N ASP B 452 -2.46 14.61 12.61
CA ASP B 452 -1.55 14.01 11.62
C ASP B 452 -2.27 12.92 10.83
N SER B 453 -3.12 12.16 11.52
CA SER B 453 -3.92 11.12 10.87
C SER B 453 -4.81 11.69 9.77
N GLY B 454 -5.30 12.92 9.95
CA GLY B 454 -6.09 13.60 8.91
C GLY B 454 -5.27 13.84 7.66
N TYR B 455 -4.06 14.37 7.86
CA TYR B 455 -3.16 14.61 6.72
C TYR B 455 -2.73 13.32 6.05
N TRP B 456 -2.39 12.31 6.85
CA TRP B 456 -2.04 11.00 6.32
C TRP B 456 -3.19 10.45 5.48
N TYR B 457 -4.41 10.54 6.00
CA TYR B 457 -5.57 9.96 5.31
C TYR B 457 -5.83 10.67 3.98
N SER B 458 -5.65 11.99 3.97
CA SER B 458 -5.81 12.81 2.76
C SER B 458 -4.91 12.24 1.65
N ASN B 459 -3.68 11.87 2.03
CA ASN B 459 -2.73 11.26 1.09
CA ASN B 459 -2.73 11.27 1.10
C ASN B 459 -3.22 9.92 0.56
N VAL B 460 -3.76 9.10 1.46
CA VAL B 460 -4.34 7.80 1.11
C VAL B 460 -5.41 7.97 0.04
N VAL B 461 -6.26 8.98 0.23
CA VAL B 461 -7.35 9.21 -0.71
C VAL B 461 -6.79 9.60 -2.09
N LYS B 462 -5.90 10.59 -2.09
CA LYS B 462 -5.27 11.08 -3.33
C LYS B 462 -4.57 9.94 -4.10
N ASN B 463 -3.88 9.08 -3.35
CA ASN B 463 -3.14 7.94 -3.89
C ASN B 463 -4.02 6.72 -4.18
N ASN B 464 -5.31 6.79 -3.81
CA ASN B 464 -6.23 5.65 -3.87
C ASN B 464 -5.62 4.39 -3.27
N GLY B 465 -4.93 4.56 -2.14
CA GLY B 465 -4.37 3.46 -1.40
C GLY B 465 -3.14 3.84 -0.59
N LEU B 466 -2.36 2.82 -0.23
CA LEU B 466 -1.20 2.95 0.67
C LEU B 466 0.08 2.76 -0.12
CA CA C . 39.84 13.05 1.50
CA CA D . 25.28 -14.82 -39.11
C ACT E . 14.59 16.06 -4.08
O ACT E . 13.99 17.14 -3.96
OXT ACT E . 13.92 15.06 -3.80
CH3 ACT E . 16.00 16.01 -4.55
C1 EDO F . 10.83 -6.45 -12.27
O1 EDO F . 11.60 -5.22 -12.29
C2 EDO F . 9.35 -6.17 -12.51
O2 EDO F . 9.15 -4.74 -12.46
C1 GOX G . 18.62 -2.30 -9.86
N1 GOX G . 18.59 -3.43 -10.54
C2 GOX G . 19.03 -1.07 -10.70
N5 GOX G . 18.29 -2.27 -8.49
O7 GOX G . 18.19 -4.58 -9.88
O2 GOX G . 20.19 -1.33 -11.46
C3 GOX G . 19.26 0.12 -9.78
O3 GOX G . 19.29 1.28 -10.60
C4 GOX G . 18.14 0.21 -8.74
O4 GOX G . 18.19 1.46 -8.05
C5 GOX G . 18.34 -0.98 -7.78
C6 GOX G . 17.26 -1.05 -6.68
O6 GOX G . 15.99 -1.31 -7.24
CA CA H . -47.09 -18.38 8.82
C1 GOX I . -19.78 2.74 16.64
N1 GOX I . -20.13 1.49 16.26
C2 GOX I . -20.89 3.79 16.55
N5 GOX I . -18.44 2.98 17.08
O7 GOX I . -19.29 0.42 16.62
O2 GOX I . -21.66 3.71 15.38
C3 GOX I . -20.34 5.20 16.65
O3 GOX I . -21.43 6.04 16.95
C4 GOX I . -19.30 5.21 17.79
O4 GOX I . -18.94 6.53 18.12
C5 GOX I . -18.06 4.37 17.38
C6 GOX I . -16.99 4.25 18.48
O6 GOX I . -17.52 3.57 19.60
#